data_4KVN
#
_entry.id   4KVN
#
_cell.length_a   204.370
_cell.length_b   204.370
_cell.length_c   204.370
_cell.angle_alpha   90.00
_cell.angle_beta   90.00
_cell.angle_gamma   90.00
#
_symmetry.space_group_name_H-M   'I 21 3'
#
loop_
_entity.id
_entity.type
_entity.pdbx_description
1 polymer Hemagglutinin
2 polymer 'Human IgG Heavy Chain'
3 polymer 'Human IgG Light Chain'
4 branched beta-D-mannopyranose-(1-4)-2-acetamido-2-deoxy-beta-D-glucopyranose-(1-4)-2-acetamido-2-deoxy-beta-D-glucopyranose
5 branched 2-acetamido-2-deoxy-beta-D-glucopyranose-(1-4)-2-acetamido-2-deoxy-beta-D-glucopyranose
6 non-polymer 2-acetamido-2-deoxy-beta-D-glucopyranose
7 non-polymer 'PHOSPHATE ION'
8 non-polymer 'TRIETHYLENE GLYCOL'
9 water water
#
loop_
_entity_poly.entity_id
_entity_poly.type
_entity_poly.pdbx_seq_one_letter_code
_entity_poly.pdbx_strand_id
1 'polypeptide(L)'
;AGSTATLCLGHHAVPNGTIVKTITNDQIEVTNATELVQSSSTGEICDSPHQILDGKNCTLIDALLGDPQCDGFQNKKWDL
FVERSKAYSNCYPYDVPDYASLRSLVASSGTLEFNNESFNWTGVTQNGTSSACIRRSKNSFFSRLNWLTHLNFKYPALNV
TMPNNEQFDKLYIWGVHHPGTDKDQIFLYAQASGRITVSTKRSQQTVSPNIGSRPRVRNIPSRISIYWTIVKPGDILLIN
STGNLIAPRGYFKIRSGKSSIMRSDAPIGKCNSECITPNGSIPNDKPFQNVNRITYGACPRYVKQNTLKLATGMRNVPEK
QTRGIFGAIAGFIENGWEGMVDGWYGFRHQNSEGRGQAADLKSTQAAIDQINGKLNRLIGKTNEKFHQIEKEFSEVEGRI
QDLEKYVEDTKIDLWSYNAELLVALENQHTIDLTDSEMNKLFEKTKKQLRENAEDMGNGCFKIYHKCDNACIGSIRNGTY
DHDVYRDEALNNRFQIKGSGRLVPR
;
A
2 'polypeptide(L)'
;VQLVESGGGVVQPGKSPRLSCAASGPTFSSYAVHWVRQAPGKGLEWVTLISYDGANQYYADSVKGRFTISRDNSKNTVYL
QMNSLRPEDTAVYYCAVPGPVFGIFPPWSYFDNWGQGILVTVSSASTKGPSVFPLAPSSKSTSGGTAALGCLVKDYFPEP
VTVSWNSGALTSGVHTFPAVLQSSGLYSLSSVVTVPSSSLGTQTYICNVNHKPSNTKVDKKVEPKSC
;
H
3 'polypeptide(L)'
;IVLTQSPATLSVSPGERATLSCRASQVISHNLAWYQQKPGQAPRLLIYGASTRASGIPARFSGSGSGTDYTLTITSLQPE
DFAVYYCQHYSNWPPRLTFGGGTKVEIKRTVAAPSVFIFPPSDEQLKSGTASVVCLLNNFYPREAKVQWKVDNALQSGNS
QESVTEQDSKDSTYSLSSTLTLSKADYEKHKVYACEVTHQGLSSPVTKSFNRGEC
;
L
#
# COMPACT_ATOMS: atom_id res chain seq x y z
N ALA A 5 45.10 -8.49 24.82
CA ALA A 5 45.43 -9.10 26.09
C ALA A 5 44.27 -9.03 27.09
N THR A 6 43.33 -8.08 26.87
CA THR A 6 42.13 -7.87 27.68
C THR A 6 40.88 -7.77 26.79
N LEU A 7 40.00 -8.81 26.87
CA LEU A 7 38.76 -8.92 26.08
C LEU A 7 37.52 -8.67 26.96
N CYS A 8 36.82 -7.55 26.69
CA CYS A 8 35.61 -7.10 27.39
C CYS A 8 34.33 -7.43 26.64
N LEU A 9 33.28 -7.83 27.39
CA LEU A 9 31.97 -8.18 26.86
C LEU A 9 30.85 -7.31 27.41
N GLY A 10 30.32 -6.44 26.54
CA GLY A 10 29.25 -5.51 26.87
C GLY A 10 28.06 -5.56 25.93
N HIS A 11 27.25 -4.49 25.96
CA HIS A 11 26.03 -4.38 25.18
C HIS A 11 25.70 -2.92 24.79
N HIS A 12 24.61 -2.72 24.03
CA HIS A 12 24.14 -1.40 23.59
C HIS A 12 23.52 -0.60 24.77
N ALA A 13 23.57 0.75 24.68
CA ALA A 13 23.02 1.67 25.65
C ALA A 13 22.66 2.98 24.98
N VAL A 14 21.69 3.68 25.57
CA VAL A 14 21.23 4.99 25.11
C VAL A 14 21.30 5.97 26.29
N PRO A 15 21.55 7.30 26.08
CA PRO A 15 21.61 8.23 27.22
C PRO A 15 20.33 8.20 28.06
N ASN A 16 19.20 8.51 27.41
CA ASN A 16 17.89 8.42 28.04
C ASN A 16 17.07 7.40 27.23
N GLY A 17 16.59 6.39 27.93
CA GLY A 17 15.75 5.33 27.38
C GLY A 17 14.29 5.49 27.76
N THR A 18 13.45 4.52 27.35
CA THR A 18 12.01 4.48 27.61
C THR A 18 11.71 3.64 28.83
N ILE A 19 10.85 4.13 29.69
CA ILE A 19 10.47 3.40 30.87
C ILE A 19 9.29 2.53 30.59
N VAL A 20 9.44 1.25 30.83
CA VAL A 20 8.37 0.27 30.59
C VAL A 20 7.96 -0.52 31.86
N LYS A 21 7.00 -1.44 31.70
CA LYS A 21 6.54 -2.32 32.77
C LYS A 21 6.72 -3.78 32.40
N THR A 22 7.05 -4.60 33.41
CA THR A 22 7.19 -6.06 33.34
C THR A 22 6.35 -6.66 34.48
N ILE A 23 6.48 -7.97 34.74
CA ILE A 23 5.78 -8.67 35.81
C ILE A 23 6.38 -8.30 37.18
N THR A 24 7.74 -8.19 37.26
CA THR A 24 8.46 -7.84 38.49
C THR A 24 8.85 -6.36 38.57
N ASN A 25 8.58 -5.59 37.55
CA ASN A 25 8.96 -4.19 37.57
C ASN A 25 7.94 -3.24 37.00
N ASP A 26 7.54 -2.25 37.78
CA ASP A 26 6.57 -1.24 37.35
C ASP A 26 7.21 -0.07 36.60
N GLN A 27 8.54 0.09 36.75
CA GLN A 27 9.35 1.12 36.11
C GLN A 27 10.70 0.48 35.75
N ILE A 28 10.98 0.30 34.43
CA ILE A 28 12.24 -0.30 33.95
C ILE A 28 12.64 0.32 32.61
N GLU A 29 13.80 0.99 32.61
CA GLU A 29 14.30 1.66 31.41
C GLU A 29 14.86 0.68 30.39
N VAL A 30 14.40 0.79 29.13
CA VAL A 30 14.81 -0.02 27.98
C VAL A 30 15.30 0.87 26.83
N THR A 31 16.18 0.32 25.95
CA THR A 31 16.80 1.03 24.83
C THR A 31 15.79 1.54 23.80
N ASN A 32 14.82 0.69 23.46
CA ASN A 32 13.82 1.03 22.46
C ASN A 32 12.47 0.45 22.83
N ALA A 33 11.40 1.14 22.42
CA ALA A 33 10.03 0.72 22.70
C ALA A 33 9.08 1.21 21.62
N THR A 34 7.85 0.69 21.64
CA THR A 34 6.80 1.07 20.69
C THR A 34 5.45 1.23 21.41
N GLU A 35 4.57 2.05 20.82
CA GLU A 35 3.26 2.34 21.36
C GLU A 35 2.25 1.30 20.86
N LEU A 36 1.31 0.92 21.75
CA LEU A 36 0.27 -0.04 21.44
C LEU A 36 -1.13 0.59 21.55
N VAL A 37 -1.19 1.88 21.96
CA VAL A 37 -2.46 2.62 22.13
C VAL A 37 -2.57 3.83 21.18
N GLN A 38 -3.66 3.89 20.37
CA GLN A 38 -3.90 5.02 19.47
C GLN A 38 -4.54 6.14 20.27
N SER A 39 -3.79 7.21 20.53
CA SER A 39 -4.29 8.34 21.30
C SER A 39 -4.67 9.54 20.44
N SER A 40 -4.03 9.67 19.27
CA SER A 40 -4.23 10.79 18.36
C SER A 40 -5.17 10.48 17.16
N SER A 41 -5.83 11.52 16.66
CA SER A 41 -6.70 11.49 15.47
C SER A 41 -6.65 12.82 14.74
N THR A 42 -6.74 12.77 13.39
CA THR A 42 -6.72 13.95 12.52
C THR A 42 -7.84 14.91 12.88
N GLY A 43 -9.01 14.35 13.22
CA GLY A 43 -10.20 15.11 13.58
C GLY A 43 -11.18 15.15 12.42
N GLU A 44 -11.12 14.15 11.54
CA GLU A 44 -12.00 14.05 10.40
C GLU A 44 -12.35 12.61 10.05
N ILE A 45 -13.63 12.37 9.76
CA ILE A 45 -14.19 11.09 9.35
C ILE A 45 -13.81 10.93 7.87
N CYS A 46 -13.33 9.75 7.48
CA CYS A 46 -12.95 9.49 6.09
C CYS A 46 -14.14 8.89 5.35
N ASP A 47 -14.35 9.28 4.06
CA ASP A 47 -15.45 8.71 3.29
C ASP A 47 -15.16 7.23 3.01
N SER A 48 -14.02 6.91 2.40
CA SER A 48 -13.67 5.51 2.13
C SER A 48 -13.30 4.66 3.37
N PRO A 49 -13.69 3.35 3.46
CA PRO A 49 -14.43 2.52 2.48
C PRO A 49 -15.94 2.41 2.75
N HIS A 50 -16.44 3.19 3.73
CA HIS A 50 -17.83 3.14 4.21
C HIS A 50 -18.75 4.20 3.67
N GLN A 51 -20.02 3.86 3.49
CA GLN A 51 -20.97 4.85 3.01
C GLN A 51 -21.37 5.73 4.17
N ILE A 52 -20.97 7.00 4.10
CA ILE A 52 -21.26 7.96 5.15
C ILE A 52 -22.40 8.89 4.71
N LEU A 53 -23.42 9.04 5.56
CA LEU A 53 -24.54 9.94 5.29
C LEU A 53 -24.55 11.00 6.37
N ASP A 54 -24.08 12.20 6.01
CA ASP A 54 -24.01 13.35 6.92
C ASP A 54 -25.40 13.97 7.04
N GLY A 55 -26.04 13.69 8.19
CA GLY A 55 -27.37 14.17 8.55
C GLY A 55 -27.52 15.68 8.52
N LYS A 56 -26.41 16.42 8.73
CA LYS A 56 -26.36 17.89 8.73
C LYS A 56 -27.41 18.48 9.68
N ASN A 57 -28.31 19.34 9.18
CA ASN A 57 -29.38 19.94 9.99
C ASN A 57 -30.51 18.94 10.31
N CYS A 58 -30.39 17.66 9.88
CA CYS A 58 -31.38 16.59 10.06
C CYS A 58 -30.98 15.47 11.00
N THR A 59 -31.99 14.95 11.71
CA THR A 59 -31.89 13.79 12.58
C THR A 59 -32.39 12.63 11.71
N LEU A 60 -32.02 11.38 12.06
CA LEU A 60 -32.47 10.22 11.26
C LEU A 60 -34.00 10.06 11.28
N ILE A 61 -34.65 10.34 12.42
CA ILE A 61 -36.09 10.26 12.57
C ILE A 61 -36.76 11.34 11.70
N ASP A 62 -36.15 12.56 11.60
CA ASP A 62 -36.64 13.66 10.75
C ASP A 62 -36.51 13.31 9.28
N ALA A 63 -35.42 12.60 8.93
CA ALA A 63 -35.18 12.11 7.58
C ALA A 63 -36.17 10.98 7.27
N LEU A 64 -36.56 10.21 8.30
CA LEU A 64 -37.51 9.10 8.19
C LEU A 64 -38.94 9.61 7.99
N LEU A 65 -39.43 10.47 8.91
CA LEU A 65 -40.78 11.05 8.86
C LEU A 65 -41.00 11.92 7.65
N GLY A 66 -39.96 12.63 7.23
CA GLY A 66 -39.99 13.48 6.04
C GLY A 66 -40.21 14.94 6.34
N ASP A 67 -39.35 15.53 7.17
CA ASP A 67 -39.33 16.96 7.49
C ASP A 67 -38.88 17.67 6.21
N PRO A 68 -39.51 18.79 5.76
CA PRO A 68 -39.07 19.45 4.51
C PRO A 68 -37.56 19.61 4.33
N GLN A 69 -36.83 20.10 5.36
CA GLN A 69 -35.37 20.27 5.30
C GLN A 69 -34.60 18.97 5.02
N CYS A 70 -35.28 17.82 5.23
CA CYS A 70 -34.75 16.47 5.06
C CYS A 70 -35.24 15.76 3.79
N ASP A 71 -35.85 16.50 2.84
CA ASP A 71 -36.36 15.88 1.61
C ASP A 71 -35.24 15.27 0.74
N GLY A 72 -34.04 15.83 0.84
CA GLY A 72 -32.84 15.38 0.12
C GLY A 72 -32.39 13.99 0.50
N PHE A 73 -32.77 13.52 1.70
CA PHE A 73 -32.44 12.22 2.25
C PHE A 73 -33.32 11.07 1.80
N GLN A 74 -34.37 11.35 0.98
CA GLN A 74 -35.28 10.28 0.54
C GLN A 74 -34.58 9.11 -0.11
N ASN A 75 -35.01 7.89 0.24
CA ASN A 75 -34.51 6.60 -0.28
C ASN A 75 -32.96 6.43 -0.22
N LYS A 76 -32.27 7.29 0.58
CA LYS A 76 -30.83 7.20 0.75
C LYS A 76 -30.48 6.00 1.64
N LYS A 77 -29.27 5.43 1.44
CA LYS A 77 -28.69 4.30 2.15
C LYS A 77 -27.43 4.78 2.89
N TRP A 78 -26.84 3.94 3.76
CA TRP A 78 -25.64 4.26 4.55
C TRP A 78 -25.05 3.05 5.23
N ASP A 79 -23.73 3.12 5.45
CA ASP A 79 -23.00 2.16 6.26
C ASP A 79 -23.06 2.78 7.66
N LEU A 80 -22.79 4.09 7.74
CA LEU A 80 -22.88 4.83 8.98
C LEU A 80 -23.51 6.20 8.73
N PHE A 81 -24.59 6.53 9.50
CA PHE A 81 -25.29 7.82 9.46
C PHE A 81 -24.63 8.71 10.50
N VAL A 82 -24.20 9.91 10.11
CA VAL A 82 -23.53 10.84 11.03
C VAL A 82 -24.53 11.93 11.45
N GLU A 83 -24.98 11.89 12.72
CA GLU A 83 -25.95 12.81 13.33
C GLU A 83 -25.22 13.95 14.02
N ARG A 84 -25.63 15.19 13.70
CA ARG A 84 -25.00 16.42 14.23
C ARG A 84 -25.74 17.00 15.44
N SER A 85 -24.97 17.54 16.42
CA SER A 85 -25.50 18.16 17.65
C SER A 85 -26.37 19.38 17.36
N LYS A 86 -26.10 20.02 16.23
CA LYS A 86 -26.79 21.22 15.85
C LYS A 86 -28.02 20.97 15.01
N ALA A 87 -28.35 19.72 14.80
CA ALA A 87 -29.56 19.36 14.05
C ALA A 87 -30.81 19.69 14.83
N TYR A 88 -31.85 20.14 14.11
CA TYR A 88 -33.12 20.57 14.68
C TYR A 88 -34.29 20.12 13.82
N SER A 89 -35.51 20.10 14.40
CA SER A 89 -36.74 19.76 13.69
C SER A 89 -37.41 21.07 13.27
N ASN A 90 -38.14 21.05 12.14
CA ASN A 90 -38.83 22.21 11.60
C ASN A 90 -40.08 21.78 10.81
N CYS A 91 -40.95 21.07 11.52
CA CYS A 91 -42.23 20.57 11.06
C CYS A 91 -43.10 20.44 12.31
N TYR A 92 -44.30 19.84 12.20
CA TYR A 92 -45.24 19.68 13.31
C TYR A 92 -44.61 19.06 14.57
N PRO A 93 -44.80 19.71 15.76
CA PRO A 93 -44.23 19.16 17.00
C PRO A 93 -44.66 17.73 17.23
N TYR A 94 -43.69 16.85 17.51
CA TYR A 94 -43.97 15.44 17.68
C TYR A 94 -43.18 14.80 18.78
N ASP A 95 -43.67 13.69 19.31
CA ASP A 95 -42.97 12.93 20.33
C ASP A 95 -42.96 11.45 19.95
N VAL A 96 -41.84 10.77 20.15
CA VAL A 96 -41.75 9.35 19.80
C VAL A 96 -41.62 8.50 21.08
N PRO A 97 -42.76 8.00 21.63
CA PRO A 97 -42.66 7.11 22.80
C PRO A 97 -41.82 5.92 22.38
N ASP A 98 -40.64 5.78 23.01
CA ASP A 98 -39.65 4.75 22.65
C ASP A 98 -39.00 5.14 21.30
N TYR A 99 -38.26 6.27 21.33
CA TYR A 99 -37.56 6.90 20.21
C TYR A 99 -36.28 6.14 19.89
N ALA A 100 -35.44 5.89 20.91
CA ALA A 100 -34.17 5.17 20.77
C ALA A 100 -34.30 3.83 20.03
N SER A 101 -35.36 3.04 20.33
CA SER A 101 -35.62 1.75 19.68
C SER A 101 -35.85 1.90 18.19
N LEU A 102 -36.69 2.88 17.78
CA LEU A 102 -36.97 3.17 16.37
C LEU A 102 -35.72 3.74 15.69
N ARG A 103 -35.02 4.69 16.36
CA ARG A 103 -33.78 5.33 15.85
C ARG A 103 -32.71 4.30 15.50
N SER A 104 -32.51 3.29 16.36
CA SER A 104 -31.52 2.25 16.13
C SER A 104 -32.05 1.20 15.15
N LEU A 105 -33.38 0.96 15.14
CA LEU A 105 -34.01 0.00 14.24
C LEU A 105 -33.78 0.45 12.80
N VAL A 106 -33.92 1.76 12.54
CA VAL A 106 -33.75 2.38 11.22
C VAL A 106 -32.28 2.43 10.86
N ALA A 107 -31.43 2.92 11.79
CA ALA A 107 -29.97 3.03 11.60
C ALA A 107 -29.32 1.72 11.20
N SER A 108 -29.58 0.62 11.95
CA SER A 108 -29.03 -0.71 11.70
C SER A 108 -29.49 -1.25 10.34
N SER A 109 -30.73 -0.91 9.93
CA SER A 109 -31.30 -1.29 8.64
C SER A 109 -30.46 -0.68 7.51
N GLY A 110 -30.00 0.55 7.71
CA GLY A 110 -29.12 1.27 6.78
C GLY A 110 -29.75 1.77 5.50
N THR A 111 -31.09 1.89 5.47
CA THR A 111 -31.80 2.36 4.28
C THR A 111 -33.03 3.18 4.64
N LEU A 112 -33.34 4.20 3.80
CA LEU A 112 -34.53 5.05 3.94
C LEU A 112 -35.51 4.78 2.79
N GLU A 113 -35.23 3.72 2.01
CA GLU A 113 -35.99 3.23 0.86
C GLU A 113 -37.44 3.00 1.27
N PHE A 114 -38.32 3.82 0.68
CA PHE A 114 -39.74 3.86 0.95
C PHE A 114 -40.54 3.53 -0.31
N ASN A 115 -41.47 2.58 -0.17
CA ASN A 115 -42.35 2.17 -1.26
C ASN A 115 -43.76 2.63 -0.92
N ASN A 116 -44.27 3.57 -1.72
CA ASN A 116 -45.60 4.15 -1.57
C ASN A 116 -46.66 3.09 -1.77
N GLU A 117 -47.76 3.20 -1.02
CA GLU A 117 -48.87 2.26 -1.08
C GLU A 117 -50.21 2.99 -1.13
N SER A 118 -51.18 2.39 -1.85
CA SER A 118 -52.51 2.96 -2.03
C SER A 118 -53.51 2.39 -1.01
N PHE A 119 -53.88 3.20 -0.01
CA PHE A 119 -54.83 2.81 1.03
C PHE A 119 -56.21 3.40 0.73
N ASN A 120 -57.30 2.63 1.00
CA ASN A 120 -58.66 3.12 0.74
C ASN A 120 -59.06 4.12 1.83
N TRP A 121 -58.94 5.42 1.52
CA TRP A 121 -59.34 6.47 2.47
C TRP A 121 -60.67 7.16 2.07
N THR A 122 -61.68 6.37 1.64
CA THR A 122 -62.98 6.96 1.27
C THR A 122 -63.73 7.35 2.52
N GLY A 123 -64.32 8.54 2.46
CA GLY A 123 -65.09 9.10 3.57
C GLY A 123 -64.30 10.10 4.37
N VAL A 124 -63.00 10.25 4.06
CA VAL A 124 -62.11 11.21 4.76
C VAL A 124 -61.26 12.02 3.78
N THR A 125 -60.95 13.25 4.18
CA THR A 125 -60.13 14.18 3.41
C THR A 125 -58.66 13.84 3.70
N GLN A 126 -57.88 13.62 2.63
CA GLN A 126 -56.46 13.31 2.76
C GLN A 126 -55.62 14.58 2.73
N ASN A 127 -54.29 14.42 2.85
CA ASN A 127 -53.27 15.44 2.73
C ASN A 127 -53.48 16.72 3.56
N GLY A 128 -53.70 16.55 4.87
CA GLY A 128 -53.84 17.67 5.80
C GLY A 128 -52.50 18.37 5.98
N THR A 129 -52.49 19.72 5.96
CA THR A 129 -51.25 20.51 6.06
C THR A 129 -51.23 21.50 7.25
N SER A 130 -50.00 21.94 7.63
CA SER A 130 -49.73 22.86 8.74
C SER A 130 -48.75 23.96 8.35
N SER A 131 -48.87 25.12 9.03
CA SER A 131 -47.99 26.28 8.86
C SER A 131 -46.66 26.07 9.60
N ALA A 132 -46.60 25.02 10.44
CA ALA A 132 -45.41 24.62 11.19
C ALA A 132 -44.47 23.94 10.21
N CYS A 133 -45.04 23.14 9.29
CA CYS A 133 -44.32 22.39 8.28
C CYS A 133 -44.31 23.13 6.94
N ILE A 134 -43.28 23.94 6.66
CA ILE A 134 -43.23 24.70 5.40
C ILE A 134 -42.38 24.00 4.35
N ARG A 135 -42.99 23.66 3.20
CA ARG A 135 -42.29 23.04 2.07
C ARG A 135 -42.50 23.87 0.80
N ARG A 136 -41.40 24.46 0.29
CA ARG A 136 -41.36 25.33 -0.91
C ARG A 136 -42.34 26.51 -0.78
N SER A 137 -42.21 27.24 0.35
CA SER A 137 -42.97 28.44 0.77
C SER A 137 -44.49 28.23 0.95
N LYS A 138 -44.95 26.96 0.94
CA LYS A 138 -46.37 26.63 1.14
C LYS A 138 -46.57 25.67 2.32
N ASN A 139 -47.73 25.79 3.01
CA ASN A 139 -48.11 24.91 4.13
C ASN A 139 -48.11 23.44 3.67
N SER A 140 -47.48 22.57 4.46
CA SER A 140 -47.33 21.15 4.16
C SER A 140 -47.32 20.30 5.44
N PHE A 141 -46.74 19.09 5.36
CA PHE A 141 -46.63 18.11 6.45
C PHE A 141 -45.51 17.10 6.15
N PHE A 142 -45.28 16.13 7.08
CA PHE A 142 -44.24 15.11 6.91
C PHE A 142 -44.51 14.35 5.60
N SER A 143 -43.51 14.32 4.73
CA SER A 143 -43.59 13.70 3.42
C SER A 143 -44.07 12.27 3.42
N ARG A 144 -43.70 11.49 4.46
CA ARG A 144 -44.06 10.07 4.55
C ARG A 144 -45.31 9.78 5.40
N LEU A 145 -46.06 10.85 5.77
CA LEU A 145 -47.26 10.73 6.60
C LEU A 145 -48.46 11.46 6.02
N ASN A 146 -49.66 10.86 6.14
CA ASN A 146 -50.91 11.42 5.63
C ASN A 146 -51.82 11.90 6.75
N TRP A 147 -52.13 13.22 6.75
CA TRP A 147 -53.01 13.80 7.77
C TRP A 147 -54.46 13.77 7.35
N LEU A 148 -55.18 12.76 7.85
CA LEU A 148 -56.60 12.52 7.57
C LEU A 148 -57.51 13.43 8.40
N THR A 149 -58.38 14.15 7.68
CA THR A 149 -59.35 15.14 8.13
C THR A 149 -60.74 14.60 7.79
N HIS A 150 -61.80 15.18 8.37
CA HIS A 150 -63.21 14.81 8.11
C HIS A 150 -63.60 15.10 6.66
N LEU A 151 -64.64 14.39 6.16
CA LEU A 151 -65.20 14.67 4.84
C LEU A 151 -66.65 15.07 5.02
N ASN A 152 -66.98 16.28 4.55
CA ASN A 152 -68.29 16.92 4.65
C ASN A 152 -68.87 16.73 6.03
N PHE A 153 -68.08 17.14 7.04
CA PHE A 153 -68.34 17.07 8.48
C PHE A 153 -68.67 15.67 9.00
N LYS A 154 -68.06 14.63 8.41
CA LYS A 154 -68.24 13.24 8.82
C LYS A 154 -66.94 12.43 8.76
N TYR A 155 -66.62 11.69 9.84
CA TYR A 155 -65.46 10.81 9.94
C TYR A 155 -65.94 9.37 10.13
N PRO A 156 -66.10 8.60 9.04
CA PRO A 156 -66.56 7.22 9.19
C PRO A 156 -65.54 6.36 9.91
N ALA A 157 -65.99 5.35 10.67
CA ALA A 157 -65.08 4.45 11.36
C ALA A 157 -64.33 3.66 10.28
N LEU A 158 -63.03 3.96 10.13
CA LEU A 158 -62.16 3.35 9.13
C LEU A 158 -61.78 1.91 9.51
N ASN A 159 -61.50 1.07 8.48
CA ASN A 159 -61.12 -0.34 8.62
C ASN A 159 -60.33 -0.74 7.37
N VAL A 160 -59.20 -0.06 7.20
CA VAL A 160 -58.32 -0.20 6.04
C VAL A 160 -57.30 -1.31 6.26
N THR A 161 -57.14 -2.14 5.22
CA THR A 161 -56.26 -3.31 5.16
C THR A 161 -55.07 -3.10 4.22
N MET A 162 -53.90 -3.66 4.57
CA MET A 162 -52.69 -3.62 3.74
C MET A 162 -51.84 -4.89 3.95
N PRO A 163 -52.07 -5.95 3.15
CA PRO A 163 -51.34 -7.21 3.35
C PRO A 163 -49.91 -7.25 2.82
N ASN A 164 -49.09 -8.11 3.43
CA ASN A 164 -47.73 -8.35 2.99
C ASN A 164 -47.72 -9.61 2.12
N ASN A 165 -47.22 -9.47 0.87
CA ASN A 165 -47.11 -10.56 -0.11
C ASN A 165 -45.72 -10.49 -0.75
N GLU A 166 -44.84 -9.68 -0.14
CA GLU A 166 -43.50 -9.34 -0.61
C GLU A 166 -42.36 -10.24 -0.11
N GLN A 167 -42.65 -11.29 0.68
CA GLN A 167 -41.67 -12.25 1.27
C GLN A 167 -40.49 -11.54 2.04
N PHE A 168 -40.73 -10.28 2.49
CA PHE A 168 -39.85 -9.47 3.34
C PHE A 168 -40.68 -8.62 4.32
N ASP A 169 -40.10 -8.29 5.50
CA ASP A 169 -40.76 -7.47 6.53
C ASP A 169 -40.96 -6.04 6.04
N LYS A 170 -42.09 -5.42 6.43
CA LYS A 170 -42.41 -4.05 6.05
C LYS A 170 -42.51 -3.21 7.30
N LEU A 171 -41.77 -2.09 7.34
CA LEU A 171 -41.80 -1.17 8.46
C LEU A 171 -42.80 -0.04 8.15
N TYR A 172 -43.81 0.13 9.02
CA TYR A 172 -44.85 1.14 8.89
C TYR A 172 -44.73 2.20 9.98
N ILE A 173 -44.81 3.48 9.60
CA ILE A 173 -44.76 4.58 10.55
C ILE A 173 -46.09 5.31 10.49
N TRP A 174 -46.71 5.53 11.64
CA TRP A 174 -47.99 6.22 11.81
C TRP A 174 -47.97 7.01 13.09
N GLY A 175 -48.91 7.92 13.22
CA GLY A 175 -48.99 8.71 14.43
C GLY A 175 -50.41 8.88 14.92
N VAL A 176 -50.53 9.61 16.03
CA VAL A 176 -51.80 9.94 16.67
C VAL A 176 -51.70 11.43 17.01
N HIS A 177 -52.61 12.22 16.47
CA HIS A 177 -52.66 13.66 16.67
C HIS A 177 -53.42 13.98 17.94
N HIS A 178 -52.75 14.67 18.87
CA HIS A 178 -53.34 15.08 20.14
C HIS A 178 -53.68 16.55 19.98
N PRO A 179 -54.96 16.93 19.71
CA PRO A 179 -55.26 18.35 19.52
C PRO A 179 -55.18 19.11 20.83
N GLY A 180 -54.69 20.34 20.76
CA GLY A 180 -54.58 21.20 21.93
C GLY A 180 -55.93 21.52 22.52
N THR A 181 -56.85 22.03 21.70
CA THR A 181 -58.18 22.42 22.14
C THR A 181 -59.27 21.49 21.61
N ASP A 182 -60.46 21.51 22.27
CA ASP A 182 -61.61 20.71 21.84
C ASP A 182 -62.16 21.25 20.52
N LYS A 183 -62.08 22.59 20.33
CA LYS A 183 -62.51 23.27 19.11
C LYS A 183 -61.81 22.81 17.82
N ASP A 184 -60.53 22.54 17.95
CA ASP A 184 -59.67 21.95 16.94
C ASP A 184 -60.19 20.60 16.53
N GLN A 185 -60.43 19.79 17.54
CA GLN A 185 -60.86 18.41 17.43
C GLN A 185 -62.05 18.42 16.44
N ILE A 186 -63.05 19.30 16.70
CA ILE A 186 -64.23 19.45 15.86
C ILE A 186 -63.84 20.05 14.48
N PHE A 187 -62.90 21.01 14.47
CA PHE A 187 -62.42 21.64 13.24
C PHE A 187 -61.86 20.60 12.28
N LEU A 188 -61.02 19.67 12.79
CA LEU A 188 -60.34 18.66 11.97
C LEU A 188 -61.11 17.38 11.75
N TYR A 189 -61.66 16.80 12.82
CA TYR A 189 -62.27 15.48 12.75
C TYR A 189 -63.81 15.49 12.80
N ALA A 190 -64.43 16.66 13.13
CA ALA A 190 -65.89 16.88 13.16
C ALA A 190 -66.64 16.07 14.22
N GLN A 191 -65.90 15.37 15.10
CA GLN A 191 -66.43 14.54 16.17
C GLN A 191 -65.38 14.28 17.25
N ALA A 192 -65.82 13.73 18.38
CA ALA A 192 -64.95 13.37 19.49
C ALA A 192 -64.00 12.21 19.12
N SER A 193 -62.85 12.18 19.79
CA SER A 193 -61.78 11.20 19.62
C SER A 193 -62.25 9.76 19.84
N GLY A 194 -61.63 8.85 19.11
CA GLY A 194 -61.90 7.42 19.18
C GLY A 194 -60.60 6.65 19.02
N ARG A 195 -60.26 5.87 20.05
CA ARG A 195 -59.05 5.05 20.16
C ARG A 195 -58.60 4.46 18.80
N ILE A 196 -57.45 4.96 18.29
CA ILE A 196 -56.83 4.48 17.04
C ILE A 196 -56.22 3.10 17.34
N THR A 197 -56.59 2.07 16.54
CA THR A 197 -56.11 0.70 16.73
C THR A 197 -55.46 0.13 15.46
N VAL A 198 -54.13 -0.07 15.48
CA VAL A 198 -53.44 -0.65 14.33
C VAL A 198 -52.89 -2.02 14.77
N SER A 199 -53.42 -3.06 14.11
CA SER A 199 -53.15 -4.46 14.43
C SER A 199 -52.75 -5.32 13.25
N THR A 200 -52.32 -6.55 13.57
CA THR A 200 -51.89 -7.61 12.65
C THR A 200 -52.36 -8.96 13.24
N LYS A 201 -51.97 -10.08 12.59
CA LYS A 201 -52.25 -11.45 13.05
C LYS A 201 -51.47 -11.74 14.34
N ARG A 202 -50.31 -11.05 14.53
CA ARG A 202 -49.36 -11.20 15.65
C ARG A 202 -49.48 -10.15 16.76
N SER A 203 -49.63 -8.86 16.38
CA SER A 203 -49.66 -7.73 17.32
C SER A 203 -50.90 -6.82 17.20
N GLN A 204 -51.09 -5.93 18.18
CA GLN A 204 -52.15 -4.91 18.25
C GLN A 204 -51.66 -3.71 19.07
N GLN A 205 -51.91 -2.50 18.57
CA GLN A 205 -51.53 -1.27 19.24
C GLN A 205 -52.73 -0.34 19.32
N THR A 206 -53.26 -0.12 20.53
CA THR A 206 -54.39 0.80 20.72
C THR A 206 -53.86 2.06 21.40
N VAL A 207 -54.08 3.21 20.77
CA VAL A 207 -53.67 4.50 21.31
C VAL A 207 -54.84 5.45 21.31
N SER A 208 -55.12 6.03 22.49
CA SER A 208 -56.24 6.96 22.67
C SER A 208 -55.79 8.42 22.53
N PRO A 209 -56.44 9.22 21.65
CA PRO A 209 -56.05 10.63 21.53
C PRO A 209 -56.38 11.39 22.82
N ASN A 210 -55.43 12.20 23.28
CA ASN A 210 -55.56 12.97 24.52
C ASN A 210 -55.65 14.44 24.17
N ILE A 211 -56.87 14.99 24.23
CA ILE A 211 -57.10 16.40 23.94
C ILE A 211 -56.67 17.20 25.15
N GLY A 212 -55.74 18.13 24.94
CA GLY A 212 -55.22 18.98 25.98
C GLY A 212 -54.02 19.79 25.52
N SER A 213 -53.97 21.07 25.90
CA SER A 213 -52.87 21.94 25.52
C SER A 213 -51.62 21.62 26.32
N ARG A 214 -50.48 21.53 25.61
CA ARG A 214 -49.14 21.25 26.13
C ARG A 214 -48.25 22.48 25.86
N PRO A 215 -47.09 22.67 26.53
CA PRO A 215 -46.27 23.87 26.28
C PRO A 215 -46.01 24.08 24.80
N ARG A 216 -46.35 25.27 24.30
CA ARG A 216 -46.23 25.64 22.89
C ARG A 216 -44.83 25.40 22.36
N VAL A 217 -44.74 24.69 21.24
CA VAL A 217 -43.50 24.37 20.53
C VAL A 217 -43.70 24.85 19.09
N ARG A 218 -42.88 25.82 18.64
CA ARG A 218 -42.98 26.48 17.32
C ARG A 218 -44.42 26.99 17.12
N ASN A 219 -44.96 27.54 18.23
CA ASN A 219 -46.30 28.08 18.49
C ASN A 219 -47.41 27.02 18.34
N ILE A 220 -47.08 25.75 18.58
CA ILE A 220 -48.07 24.68 18.50
C ILE A 220 -48.28 24.07 19.88
N PRO A 221 -49.50 24.19 20.44
CA PRO A 221 -49.79 23.57 21.74
C PRO A 221 -50.18 22.09 21.63
N SER A 222 -50.35 21.59 20.38
CA SER A 222 -50.72 20.22 20.01
C SER A 222 -49.46 19.40 19.79
N ARG A 223 -49.61 18.07 19.57
CA ARG A 223 -48.50 17.15 19.31
C ARG A 223 -48.95 15.97 18.43
N ILE A 224 -47.96 15.23 17.91
CA ILE A 224 -48.16 14.00 17.18
C ILE A 224 -47.26 12.96 17.85
N SER A 225 -47.84 11.88 18.38
CA SER A 225 -47.05 10.80 18.98
C SER A 225 -46.81 9.76 17.89
N ILE A 226 -45.53 9.48 17.55
CA ILE A 226 -45.24 8.52 16.49
C ILE A 226 -45.12 7.07 17.00
N TYR A 227 -45.72 6.13 16.24
CA TYR A 227 -45.72 4.69 16.52
C TYR A 227 -45.30 3.90 15.28
N TRP A 228 -44.83 2.67 15.48
CA TRP A 228 -44.40 1.86 14.35
C TRP A 228 -44.90 0.44 14.46
N THR A 229 -45.10 -0.20 13.30
CA THR A 229 -45.57 -1.57 13.21
C THR A 229 -44.78 -2.29 12.11
N ILE A 230 -44.30 -3.52 12.43
CA ILE A 230 -43.60 -4.35 11.46
C ILE A 230 -44.54 -5.48 11.04
N VAL A 231 -44.82 -5.58 9.74
CA VAL A 231 -45.72 -6.59 9.16
C VAL A 231 -44.88 -7.64 8.46
N LYS A 232 -44.96 -8.87 8.95
CA LYS A 232 -44.21 -10.02 8.44
C LYS A 232 -44.82 -10.57 7.11
N PRO A 233 -43.97 -11.08 6.19
CA PRO A 233 -44.45 -11.63 4.90
C PRO A 233 -45.81 -12.32 4.82
N GLY A 234 -46.19 -13.09 5.83
CA GLY A 234 -47.50 -13.73 5.81
C GLY A 234 -48.64 -12.78 6.11
N ASP A 235 -48.46 -11.99 7.20
CA ASP A 235 -49.35 -11.03 7.86
C ASP A 235 -50.05 -9.95 6.98
N ILE A 236 -51.01 -9.22 7.62
CA ILE A 236 -51.84 -8.14 7.05
C ILE A 236 -51.91 -6.96 8.05
N LEU A 237 -51.73 -5.71 7.57
CA LEU A 237 -51.82 -4.52 8.41
C LEU A 237 -53.27 -4.05 8.45
N LEU A 238 -53.84 -3.93 9.64
CA LEU A 238 -55.22 -3.50 9.83
C LEU A 238 -55.31 -2.25 10.68
N ILE A 239 -55.80 -1.14 10.07
CA ILE A 239 -55.97 0.16 10.73
C ILE A 239 -57.44 0.47 10.99
N ASN A 240 -57.79 0.74 12.25
CA ASN A 240 -59.14 1.16 12.62
C ASN A 240 -58.96 2.51 13.28
N SER A 241 -59.71 3.51 12.80
CA SER A 241 -59.66 4.85 13.34
C SER A 241 -60.99 5.57 13.16
N THR A 242 -61.39 6.36 14.18
CA THR A 242 -62.60 7.18 14.17
C THR A 242 -62.19 8.65 14.32
N GLY A 243 -60.93 8.93 13.94
CA GLY A 243 -60.33 10.25 14.01
C GLY A 243 -59.00 10.27 14.72
N ASN A 244 -58.25 11.38 14.51
CA ASN A 244 -56.94 11.75 15.08
C ASN A 244 -55.76 10.89 14.57
N LEU A 245 -55.96 10.07 13.54
CA LEU A 245 -54.89 9.23 13.02
C LEU A 245 -54.03 9.98 11.98
N ILE A 246 -52.70 9.76 12.06
CA ILE A 246 -51.66 10.26 11.15
C ILE A 246 -51.21 9.00 10.40
N ALA A 247 -51.99 8.65 9.37
CA ALA A 247 -51.84 7.44 8.55
C ALA A 247 -50.54 7.34 7.75
N PRO A 248 -50.08 6.10 7.42
CA PRO A 248 -48.87 5.99 6.59
C PRO A 248 -49.20 6.24 5.10
N ARG A 249 -48.15 6.41 4.29
CA ARG A 249 -48.25 6.59 2.84
C ARG A 249 -47.67 5.38 2.14
N GLY A 250 -47.14 4.46 2.93
CA GLY A 250 -46.50 3.24 2.47
C GLY A 250 -45.60 2.62 3.52
N TYR A 251 -44.63 1.83 3.08
CA TYR A 251 -43.72 1.13 3.98
C TYR A 251 -42.25 1.41 3.71
N PHE A 252 -41.40 1.00 4.64
CA PHE A 252 -39.96 1.13 4.56
C PHE A 252 -39.36 -0.27 4.47
N LYS A 253 -38.21 -0.39 3.80
CA LYS A 253 -37.49 -1.66 3.70
C LYS A 253 -36.80 -1.86 5.04
N ILE A 254 -36.85 -3.07 5.62
CA ILE A 254 -36.21 -3.27 6.92
C ILE A 254 -35.27 -4.49 6.87
N ARG A 255 -33.96 -4.18 6.76
CA ARG A 255 -32.84 -5.10 6.63
C ARG A 255 -32.30 -5.56 8.01
N SER A 256 -31.36 -6.55 7.99
CA SER A 256 -30.73 -7.18 9.16
C SER A 256 -29.91 -6.22 10.06
N GLY A 257 -28.64 -5.96 9.72
CA GLY A 257 -27.75 -5.10 10.48
C GLY A 257 -26.60 -4.52 9.69
N LYS A 258 -25.37 -4.62 10.25
CA LYS A 258 -24.09 -4.14 9.71
C LYS A 258 -23.98 -2.59 9.69
N SER A 259 -25.09 -1.88 9.38
CA SER A 259 -25.12 -0.42 9.32
C SER A 259 -25.28 0.18 10.71
N SER A 260 -24.97 1.48 10.88
CA SER A 260 -25.05 2.15 12.18
C SER A 260 -25.25 3.70 12.10
N ILE A 261 -25.35 4.34 13.28
CA ILE A 261 -25.51 5.77 13.48
C ILE A 261 -24.46 6.25 14.50
N MET A 262 -24.01 7.50 14.36
CA MET A 262 -23.00 8.07 15.24
C MET A 262 -23.31 9.53 15.47
N ARG A 263 -23.13 9.98 16.72
CA ARG A 263 -23.33 11.37 17.10
C ARG A 263 -21.93 11.94 17.06
N SER A 264 -21.67 12.87 16.12
CA SER A 264 -20.36 13.47 15.93
C SER A 264 -20.46 14.80 15.22
N ASP A 265 -19.58 15.76 15.57
CA ASP A 265 -19.52 17.06 14.89
C ASP A 265 -18.22 17.19 14.09
N ALA A 266 -17.53 16.06 13.87
CA ALA A 266 -16.27 16.00 13.11
C ALA A 266 -16.55 16.03 11.60
N PRO A 267 -15.77 16.84 10.84
CA PRO A 267 -15.99 16.93 9.38
C PRO A 267 -15.70 15.67 8.57
N ILE A 268 -16.47 15.41 7.52
CA ILE A 268 -16.20 14.28 6.63
C ILE A 268 -15.18 14.76 5.58
N GLY A 269 -14.18 13.94 5.27
CA GLY A 269 -13.14 14.29 4.32
C GLY A 269 -12.80 13.19 3.34
N LYS A 270 -12.26 13.58 2.17
CA LYS A 270 -11.85 12.66 1.11
C LYS A 270 -10.57 11.90 1.51
N CYS A 271 -10.74 10.67 2.05
CA CYS A 271 -9.67 9.76 2.50
C CYS A 271 -10.18 8.33 2.75
N ASN A 272 -9.24 7.38 2.99
CA ASN A 272 -9.57 5.98 3.26
C ASN A 272 -8.99 5.53 4.60
N SER A 273 -9.88 5.23 5.55
CA SER A 273 -9.57 4.73 6.90
C SER A 273 -10.65 3.71 7.27
N GLU A 274 -10.25 2.53 7.79
CA GLU A 274 -11.23 1.49 8.15
C GLU A 274 -11.99 1.77 9.45
N CYS A 275 -11.33 2.39 10.45
CA CYS A 275 -11.91 2.68 11.77
C CYS A 275 -12.41 4.13 11.95
N ILE A 276 -13.70 4.31 12.34
CA ILE A 276 -14.29 5.64 12.60
C ILE A 276 -14.60 5.83 14.09
N THR A 277 -14.29 7.01 14.65
CA THR A 277 -14.65 7.41 16.02
C THR A 277 -15.35 8.77 15.90
N PRO A 278 -16.14 9.25 16.91
CA PRO A 278 -16.76 10.58 16.77
C PRO A 278 -15.76 11.73 16.73
N ASN A 279 -14.48 11.45 17.09
CA ASN A 279 -13.40 12.43 17.11
C ASN A 279 -12.60 12.38 15.82
N GLY A 280 -13.18 11.75 14.80
CA GLY A 280 -12.54 11.56 13.51
C GLY A 280 -12.00 10.15 13.36
N SER A 281 -11.64 9.77 12.13
CA SER A 281 -11.12 8.43 11.88
C SER A 281 -9.73 8.23 12.51
N ILE A 282 -9.43 6.97 12.86
CA ILE A 282 -8.14 6.56 13.43
C ILE A 282 -7.56 5.36 12.69
N PRO A 283 -6.22 5.30 12.53
CA PRO A 283 -5.62 4.12 11.90
C PRO A 283 -5.69 2.92 12.85
N ASN A 284 -5.83 1.71 12.31
CA ASN A 284 -5.99 0.50 13.13
C ASN A 284 -4.64 -0.24 13.11
N ASP A 285 -3.52 0.45 13.20
CA ASP A 285 -2.26 -0.26 13.39
C ASP A 285 -2.23 -0.88 14.77
N LYS A 286 -1.94 -0.06 15.78
CA LYS A 286 -1.95 -0.55 17.17
C LYS A 286 -3.13 -1.42 17.67
N PRO A 287 -2.90 -2.39 18.58
CA PRO A 287 -4.00 -3.26 19.02
C PRO A 287 -5.05 -2.64 19.93
N PHE A 288 -4.75 -1.46 20.52
CA PHE A 288 -5.62 -0.74 21.44
C PHE A 288 -5.70 0.72 21.10
N GLN A 289 -6.72 1.41 21.62
CA GLN A 289 -6.93 2.84 21.42
C GLN A 289 -7.56 3.49 22.65
N ASN A 290 -7.43 4.82 22.77
CA ASN A 290 -7.97 5.57 23.90
C ASN A 290 -8.76 6.79 23.37
N VAL A 291 -8.89 6.90 22.03
CA VAL A 291 -9.59 8.02 21.37
C VAL A 291 -11.09 8.07 21.80
N ASN A 292 -11.84 6.97 21.63
CA ASN A 292 -13.26 6.92 21.96
C ASN A 292 -13.80 5.48 22.09
N ARG A 293 -14.69 5.26 23.08
CA ARG A 293 -15.35 3.97 23.28
C ARG A 293 -16.39 3.70 22.19
N ILE A 294 -16.78 4.75 21.41
CA ILE A 294 -17.73 4.70 20.30
C ILE A 294 -16.91 4.56 19.01
N THR A 295 -17.08 3.44 18.29
CA THR A 295 -16.34 3.08 17.07
C THR A 295 -17.24 2.38 16.05
N TYR A 296 -16.96 2.51 14.71
CA TYR A 296 -17.77 1.86 13.68
C TYR A 296 -17.03 0.75 12.88
N GLY A 297 -15.88 1.04 12.27
CA GLY A 297 -15.20 0.02 11.47
C GLY A 297 -14.49 -1.08 12.25
N ALA A 298 -13.50 -1.74 11.62
CA ALA A 298 -12.67 -2.77 12.27
C ALA A 298 -11.66 -1.92 13.06
N CYS A 299 -11.93 -1.79 14.36
CA CYS A 299 -11.21 -0.90 15.26
C CYS A 299 -10.39 -1.57 16.34
N PRO A 300 -9.29 -0.90 16.82
CA PRO A 300 -8.58 -1.42 18.01
C PRO A 300 -9.50 -1.33 19.24
N ARG A 301 -9.30 -2.17 20.25
CA ARG A 301 -10.13 -2.15 21.46
C ARG A 301 -9.91 -0.86 22.25
N TYR A 302 -10.96 -0.39 22.95
CA TYR A 302 -10.84 0.81 23.78
C TYR A 302 -10.33 0.44 25.17
N VAL A 303 -9.26 1.12 25.61
CA VAL A 303 -8.63 0.94 26.92
C VAL A 303 -8.57 2.29 27.63
N LYS A 304 -8.63 2.28 28.98
CA LYS A 304 -8.57 3.47 29.81
C LYS A 304 -7.21 4.15 29.67
N GLN A 305 -6.11 3.35 29.56
CA GLN A 305 -4.71 3.79 29.41
C GLN A 305 -4.47 4.60 28.15
N ASN A 306 -3.75 5.72 28.26
CA ASN A 306 -3.44 6.54 27.08
C ASN A 306 -2.11 6.11 26.44
N THR A 307 -1.32 5.29 27.17
CA THR A 307 -0.02 4.78 26.72
C THR A 307 0.32 3.39 27.30
N LEU A 308 0.73 2.49 26.40
CA LEU A 308 1.20 1.14 26.72
C LEU A 308 2.45 0.93 25.91
N LYS A 309 3.58 1.08 26.57
CA LYS A 309 4.86 0.94 25.93
C LYS A 309 5.30 -0.51 25.89
N LEU A 310 5.46 -1.04 24.66
CA LEU A 310 5.95 -2.38 24.40
C LEU A 310 7.46 -2.29 24.19
N ALA A 311 8.23 -2.93 25.09
CA ALA A 311 9.69 -2.97 25.01
C ALA A 311 10.11 -3.70 23.76
N THR A 312 10.90 -3.02 22.95
CA THR A 312 11.45 -3.52 21.67
C THR A 312 12.94 -3.17 21.65
N GLY A 313 13.65 -3.73 22.62
CA GLY A 313 15.08 -3.55 22.82
C GLY A 313 15.53 -4.30 24.05
N MET A 314 16.51 -3.77 24.78
CA MET A 314 17.01 -4.39 26.01
C MET A 314 17.09 -3.35 27.13
N ARG A 315 17.30 -3.80 28.40
CA ARG A 315 17.40 -2.89 29.55
C ARG A 315 18.55 -1.90 29.40
N ASN A 316 18.23 -0.61 29.60
CA ASN A 316 19.17 0.50 29.50
C ASN A 316 19.97 0.69 30.79
N VAL A 317 21.27 0.38 30.72
CA VAL A 317 22.27 0.50 31.80
C VAL A 317 23.42 1.35 31.16
N PRO A 318 23.35 2.70 31.12
CA PRO A 318 24.36 3.47 30.39
C PRO A 318 25.70 3.74 31.11
N GLU A 319 26.78 4.00 30.30
CA GLU A 319 28.15 4.27 30.78
C GLU A 319 28.11 5.30 31.92
N LYS A 320 27.46 6.48 31.67
CA LYS A 320 27.28 7.59 32.62
C LYS A 320 26.36 7.20 33.83
N GLN A 321 26.98 6.54 34.86
CA GLN A 321 26.40 5.98 36.10
C GLN A 321 26.05 4.52 35.92
N ILE A 333 28.99 -8.11 33.99
CA ILE A 333 28.97 -8.21 32.53
C ILE A 333 28.11 -7.08 31.91
N GLU A 334 27.13 -6.53 32.67
CA GLU A 334 26.26 -5.43 32.23
C GLU A 334 27.05 -4.10 32.11
N ASN A 335 27.82 -4.01 30.99
CA ASN A 335 28.65 -2.88 30.59
C ASN A 335 27.94 -2.20 29.42
N GLY A 336 27.13 -1.21 29.73
CA GLY A 336 26.37 -0.47 28.73
C GLY A 336 27.21 0.52 27.96
N TRP A 337 27.37 0.27 26.67
CA TRP A 337 28.18 1.10 25.79
C TRP A 337 27.35 1.93 24.81
N GLU A 338 27.26 3.24 25.08
CA GLU A 338 26.54 4.19 24.22
C GLU A 338 27.18 4.25 22.82
N GLY A 339 28.45 3.84 22.73
CA GLY A 339 29.26 3.81 21.52
C GLY A 339 28.99 2.65 20.58
N MET A 340 28.46 1.52 21.11
CA MET A 340 28.08 0.34 20.32
C MET A 340 26.67 0.58 19.80
N VAL A 341 26.55 0.96 18.53
CA VAL A 341 25.25 1.30 17.95
C VAL A 341 24.90 0.39 16.73
N ASP A 342 25.78 -0.57 16.43
CA ASP A 342 25.62 -1.49 15.32
C ASP A 342 25.13 -2.87 15.76
N GLY A 343 24.93 -3.03 17.07
CA GLY A 343 24.46 -4.29 17.66
C GLY A 343 24.07 -4.16 19.12
N TRP A 344 23.24 -5.09 19.63
CA TRP A 344 22.79 -5.05 21.01
C TRP A 344 23.79 -5.65 21.99
N TYR A 345 24.73 -6.46 21.49
CA TYR A 345 25.76 -7.13 22.30
C TYR A 345 27.04 -7.25 21.48
N GLY A 346 28.19 -6.99 22.11
CA GLY A 346 29.48 -7.06 21.43
C GLY A 346 30.71 -7.18 22.30
N PHE A 347 31.88 -6.99 21.67
CA PHE A 347 33.19 -7.10 22.29
C PHE A 347 33.99 -5.81 22.13
N ARG A 348 34.86 -5.55 23.12
CA ARG A 348 35.82 -4.45 23.15
C ARG A 348 37.15 -5.06 23.59
N HIS A 349 38.20 -4.87 22.77
CA HIS A 349 39.52 -5.44 23.07
C HIS A 349 40.60 -4.39 23.12
N GLN A 350 41.64 -4.69 23.91
CA GLN A 350 42.85 -3.88 24.04
C GLN A 350 44.00 -4.88 23.95
N ASN A 351 44.59 -4.98 22.75
CA ASN A 351 45.66 -5.91 22.42
C ASN A 351 46.95 -5.19 21.99
N SER A 352 47.94 -5.98 21.50
CA SER A 352 49.24 -5.52 21.01
C SER A 352 49.08 -4.41 19.97
N GLU A 353 48.24 -4.65 18.93
CA GLU A 353 47.96 -3.72 17.84
C GLU A 353 47.23 -2.44 18.29
N GLY A 354 46.40 -2.55 19.33
CA GLY A 354 45.67 -1.42 19.88
C GLY A 354 44.32 -1.72 20.47
N ARG A 355 43.37 -0.77 20.29
CA ARG A 355 41.99 -0.87 20.77
C ARG A 355 41.02 -1.11 19.60
N GLY A 356 39.85 -1.66 19.91
CA GLY A 356 38.82 -1.94 18.92
C GLY A 356 37.52 -2.46 19.51
N GLN A 357 36.42 -2.25 18.78
CA GLN A 357 35.07 -2.64 19.16
C GLN A 357 34.37 -3.32 17.99
N ALA A 358 33.69 -4.43 18.26
CA ALA A 358 32.92 -5.19 17.27
C ALA A 358 31.67 -5.81 17.88
N ALA A 359 30.53 -5.67 17.18
CA ALA A 359 29.24 -6.20 17.61
C ALA A 359 29.06 -7.64 17.21
N ASP A 360 28.38 -8.43 18.07
CA ASP A 360 28.06 -9.81 17.76
C ASP A 360 26.69 -9.78 17.10
N LEU A 361 26.67 -10.10 15.80
CA LEU A 361 25.44 -10.09 15.02
C LEU A 361 24.57 -11.35 15.24
N LYS A 362 25.17 -12.46 15.75
CA LYS A 362 24.45 -13.70 16.04
C LYS A 362 23.42 -13.47 17.16
N SER A 363 23.87 -13.00 18.33
CA SER A 363 23.02 -12.72 19.47
C SER A 363 22.05 -11.58 19.16
N THR A 364 22.48 -10.63 18.33
CA THR A 364 21.66 -9.49 17.93
C THR A 364 20.49 -9.97 17.07
N GLN A 365 20.76 -10.71 15.98
CA GLN A 365 19.72 -11.22 15.09
C GLN A 365 18.73 -12.15 15.80
N ALA A 366 19.22 -12.93 16.79
CA ALA A 366 18.43 -13.83 17.61
C ALA A 366 17.43 -13.04 18.46
N ALA A 367 17.86 -11.86 18.96
CA ALA A 367 17.02 -10.96 19.75
C ALA A 367 16.04 -10.22 18.83
N ILE A 368 16.51 -9.74 17.66
CA ILE A 368 15.67 -9.03 16.69
C ILE A 368 14.53 -9.92 16.21
N ASP A 369 14.86 -11.15 15.77
CA ASP A 369 13.88 -12.11 15.25
C ASP A 369 12.72 -12.39 16.19
N GLN A 370 13.03 -12.50 17.50
CA GLN A 370 12.03 -12.77 18.54
C GLN A 370 11.13 -11.59 18.78
N ILE A 371 11.68 -10.37 18.79
CA ILE A 371 10.91 -9.14 18.97
C ILE A 371 10.00 -8.94 17.76
N ASN A 372 10.51 -9.26 16.55
CA ASN A 372 9.78 -9.20 15.30
C ASN A 372 8.55 -10.10 15.38
N GLY A 373 8.77 -11.33 15.86
CA GLY A 373 7.74 -12.35 16.01
C GLY A 373 6.57 -11.90 16.87
N LYS A 374 6.88 -11.52 18.13
CA LYS A 374 5.87 -11.05 19.08
C LYS A 374 5.24 -9.72 18.65
N LEU A 375 6.04 -8.78 18.08
CA LEU A 375 5.52 -7.49 17.63
C LEU A 375 4.47 -7.67 16.56
N ASN A 376 4.79 -8.47 15.52
CA ASN A 376 3.86 -8.72 14.43
C ASN A 376 2.59 -9.36 14.98
N ARG A 377 2.71 -10.41 15.80
CA ARG A 377 1.59 -11.07 16.47
C ARG A 377 0.72 -10.09 17.30
N LEU A 378 1.38 -9.14 18.00
CA LEU A 378 0.70 -8.11 18.80
C LEU A 378 -0.06 -7.07 17.99
N ILE A 379 0.45 -6.69 16.80
CA ILE A 379 -0.17 -5.61 16.00
C ILE A 379 -0.96 -6.12 14.78
N GLY A 380 -1.28 -7.42 14.79
CA GLY A 380 -1.98 -8.09 13.71
C GLY A 380 -0.98 -8.37 12.61
N LYS A 381 -1.20 -7.83 11.41
CA LYS A 381 -0.28 -7.89 10.26
C LYS A 381 0.44 -9.27 10.09
N THR A 382 -0.34 -10.34 10.22
CA THR A 382 0.07 -11.73 10.14
C THR A 382 -1.11 -12.49 9.47
N ASN A 383 -1.01 -13.80 9.26
CA ASN A 383 -2.12 -14.54 8.61
C ASN A 383 -2.84 -15.40 9.68
N GLU A 384 -4.04 -14.97 10.21
CA GLU A 384 -4.66 -15.67 11.35
C GLU A 384 -6.24 -15.61 11.58
N LYS A 385 -6.56 -15.66 12.89
CA LYS A 385 -7.64 -15.33 13.82
C LYS A 385 -6.71 -14.81 14.94
N PHE A 386 -6.54 -13.51 14.98
CA PHE A 386 -5.53 -12.75 15.69
C PHE A 386 -5.61 -12.74 17.23
N HIS A 387 -4.42 -12.46 17.82
CA HIS A 387 -4.07 -12.35 19.23
C HIS A 387 -5.01 -11.34 19.94
N GLN A 388 -5.17 -10.10 19.38
CA GLN A 388 -6.14 -9.09 19.87
C GLN A 388 -7.04 -8.72 18.69
N ILE A 389 -8.11 -9.52 18.45
CA ILE A 389 -9.02 -9.29 17.32
C ILE A 389 -9.70 -7.91 17.47
N GLU A 390 -9.86 -7.18 16.33
CA GLU A 390 -10.47 -5.84 16.26
C GLU A 390 -11.93 -5.96 16.67
N LYS A 391 -12.44 -4.90 17.34
CA LYS A 391 -13.85 -4.80 17.74
C LYS A 391 -14.61 -4.31 16.53
N GLU A 392 -15.84 -4.79 16.34
CA GLU A 392 -16.67 -4.40 15.19
C GLU A 392 -17.80 -3.41 15.56
N PHE A 393 -18.78 -3.85 16.41
CA PHE A 393 -19.93 -3.07 16.90
C PHE A 393 -20.72 -2.34 15.81
N GLU A 404 -26.67 1.37 27.98
CA GLU A 404 -26.27 0.25 28.81
C GLU A 404 -25.42 0.72 30.00
N LYS A 405 -24.37 1.56 29.72
CA LYS A 405 -23.38 2.15 30.65
C LYS A 405 -22.59 1.11 31.45
N TYR A 406 -23.28 0.39 32.39
CA TYR A 406 -22.74 -0.65 33.25
C TYR A 406 -21.99 -1.71 32.45
N VAL A 407 -22.62 -2.22 31.37
CA VAL A 407 -22.06 -3.24 30.49
C VAL A 407 -20.77 -2.75 29.79
N GLU A 408 -20.80 -1.52 29.26
CA GLU A 408 -19.70 -0.84 28.58
C GLU A 408 -18.51 -0.59 29.56
N ASP A 409 -18.81 -0.18 30.81
CA ASP A 409 -17.78 0.04 31.83
C ASP A 409 -17.14 -1.29 32.25
N THR A 410 -17.98 -2.34 32.41
CA THR A 410 -17.54 -3.69 32.76
C THR A 410 -16.53 -4.15 31.71
N LYS A 411 -16.90 -3.98 30.44
CA LYS A 411 -16.10 -4.29 29.25
C LYS A 411 -14.75 -3.55 29.28
N ILE A 412 -14.78 -2.21 29.33
CA ILE A 412 -13.58 -1.37 29.30
C ILE A 412 -12.63 -1.68 30.49
N ASP A 413 -13.16 -2.07 31.66
CA ASP A 413 -12.32 -2.42 32.80
C ASP A 413 -11.60 -3.75 32.57
N LEU A 414 -12.31 -4.77 32.04
CA LEU A 414 -11.74 -6.09 31.73
C LEU A 414 -10.73 -6.03 30.56
N TRP A 415 -11.00 -5.18 29.55
CA TRP A 415 -10.10 -4.99 28.41
C TRP A 415 -8.86 -4.19 28.80
N SER A 416 -9.00 -3.25 29.76
CA SER A 416 -7.88 -2.44 30.24
C SER A 416 -6.96 -3.33 31.06
N TYR A 417 -7.56 -4.29 31.81
CA TYR A 417 -6.83 -5.29 32.59
C TYR A 417 -6.01 -6.19 31.65
N ASN A 418 -6.65 -6.63 30.55
CA ASN A 418 -6.02 -7.47 29.55
C ASN A 418 -4.77 -6.83 28.97
N ALA A 419 -4.91 -5.61 28.46
CA ALA A 419 -3.85 -4.80 27.87
C ALA A 419 -2.67 -4.58 28.82
N GLU A 420 -2.98 -4.25 30.10
CA GLU A 420 -2.00 -4.02 31.16
C GLU A 420 -1.21 -5.31 31.47
N LEU A 421 -1.92 -6.48 31.54
CA LEU A 421 -1.30 -7.77 31.81
C LEU A 421 -0.46 -8.25 30.61
N LEU A 422 -1.02 -8.16 29.38
CA LEU A 422 -0.37 -8.58 28.12
C LEU A 422 0.96 -7.90 27.92
N VAL A 423 0.99 -6.57 28.04
CA VAL A 423 2.20 -5.75 27.91
C VAL A 423 3.22 -6.15 28.97
N ALA A 424 2.79 -6.37 30.22
CA ALA A 424 3.67 -6.78 31.31
C ALA A 424 4.32 -8.13 30.99
N LEU A 425 3.50 -9.12 30.58
CA LEU A 425 3.92 -10.47 30.22
C LEU A 425 4.88 -10.42 29.06
N GLU A 426 4.50 -9.69 28.01
CA GLU A 426 5.28 -9.55 26.78
C GLU A 426 6.65 -8.96 27.08
N ASN A 427 6.69 -7.83 27.82
CA ASN A 427 7.93 -7.16 28.21
C ASN A 427 8.74 -7.97 29.18
N GLN A 428 8.10 -8.76 30.06
CA GLN A 428 8.83 -9.62 30.99
C GLN A 428 9.64 -10.63 30.20
N HIS A 429 9.01 -11.20 29.15
CA HIS A 429 9.63 -12.15 28.25
C HIS A 429 10.80 -11.49 27.51
N THR A 430 10.60 -10.30 26.90
CA THR A 430 11.60 -9.53 26.15
C THR A 430 12.82 -9.16 27.01
N ILE A 431 12.63 -8.82 28.29
CA ILE A 431 13.77 -8.50 29.15
C ILE A 431 14.55 -9.78 29.41
N ASP A 432 13.83 -10.87 29.77
CA ASP A 432 14.41 -12.19 30.03
C ASP A 432 15.19 -12.68 28.82
N LEU A 433 14.61 -12.47 27.62
CA LEU A 433 15.11 -12.81 26.30
C LEU A 433 16.48 -12.19 26.08
N THR A 434 16.53 -10.86 26.15
CA THR A 434 17.72 -10.04 25.92
C THR A 434 18.80 -10.25 26.99
N ASP A 435 18.40 -10.45 28.26
CA ASP A 435 19.33 -10.72 29.36
C ASP A 435 20.03 -12.05 29.12
N SER A 436 19.27 -13.05 28.63
CA SER A 436 19.78 -14.37 28.31
C SER A 436 20.85 -14.26 27.23
N GLU A 437 20.50 -13.69 26.05
CA GLU A 437 21.41 -13.55 24.91
C GLU A 437 22.79 -13.05 25.31
N MET A 438 22.84 -12.06 26.23
CA MET A 438 24.07 -11.45 26.77
C MET A 438 24.84 -12.46 27.63
N ASN A 439 24.13 -13.14 28.56
CA ASN A 439 24.71 -14.15 29.45
C ASN A 439 25.30 -15.32 28.63
N LYS A 440 24.56 -15.78 27.58
CA LYS A 440 24.94 -16.84 26.66
C LYS A 440 26.27 -16.51 25.95
N LEU A 441 26.40 -15.26 25.43
CA LEU A 441 27.58 -14.77 24.73
C LEU A 441 28.79 -14.64 25.66
N PHE A 442 28.56 -14.33 26.95
CA PHE A 442 29.66 -14.25 27.90
C PHE A 442 30.16 -15.66 28.24
N GLU A 443 29.23 -16.60 28.46
CA GLU A 443 29.55 -17.99 28.78
C GLU A 443 30.19 -18.70 27.60
N LYS A 444 29.78 -18.35 26.34
CA LYS A 444 30.33 -18.91 25.10
C LYS A 444 31.82 -18.58 25.03
N THR A 445 32.17 -17.32 25.36
CA THR A 445 33.54 -16.81 25.41
C THR A 445 34.35 -17.51 26.50
N LYS A 446 33.75 -17.71 27.70
CA LYS A 446 34.36 -18.40 28.85
C LYS A 446 34.80 -19.84 28.51
N LYS A 447 33.90 -20.63 27.87
CA LYS A 447 34.12 -22.02 27.44
C LYS A 447 35.14 -22.11 26.28
N GLN A 448 35.30 -21.00 25.53
CA GLN A 448 36.19 -20.90 24.38
C GLN A 448 37.64 -20.62 24.81
N LEU A 449 37.84 -19.60 25.67
CA LEU A 449 39.15 -19.23 26.19
C LEU A 449 39.64 -20.24 27.20
N ARG A 450 38.72 -20.75 28.06
CA ARG A 450 38.99 -21.74 29.12
C ARG A 450 40.08 -21.25 30.11
N GLU A 451 41.13 -22.08 30.31
CA GLU A 451 42.25 -21.80 31.23
C GLU A 451 43.19 -20.69 30.72
N ASN A 452 43.20 -20.41 29.39
CA ASN A 452 44.04 -19.38 28.74
C ASN A 452 43.72 -17.94 29.19
N ALA A 453 42.63 -17.74 29.96
CA ALA A 453 42.19 -16.45 30.50
C ALA A 453 41.52 -16.62 31.86
N GLU A 454 41.36 -15.50 32.60
CA GLU A 454 40.71 -15.48 33.91
C GLU A 454 39.65 -14.37 33.96
N ASP A 455 38.50 -14.66 34.61
CA ASP A 455 37.37 -13.71 34.77
C ASP A 455 37.77 -12.49 35.61
N MET A 456 38.34 -11.49 34.92
CA MET A 456 38.84 -10.22 35.46
C MET A 456 37.73 -9.30 36.04
N GLY A 457 37.15 -9.76 37.14
CA GLY A 457 36.09 -9.09 37.88
C GLY A 457 34.82 -8.92 37.04
N ASN A 458 34.70 -7.75 36.39
CA ASN A 458 33.58 -7.28 35.57
C ASN A 458 33.27 -8.14 34.32
N GLY A 459 33.07 -7.47 33.17
CA GLY A 459 32.75 -8.14 31.92
C GLY A 459 33.95 -8.51 31.08
N CYS A 460 35.16 -8.28 31.60
CA CYS A 460 36.40 -8.55 30.87
C CYS A 460 37.10 -9.84 31.30
N PHE A 461 37.97 -10.38 30.42
CA PHE A 461 38.79 -11.58 30.62
C PHE A 461 40.27 -11.18 30.46
N LYS A 462 41.18 -11.91 31.13
CA LYS A 462 42.61 -11.61 31.06
C LYS A 462 43.39 -12.73 30.37
N ILE A 463 43.45 -12.68 29.02
CA ILE A 463 44.17 -13.67 28.21
C ILE A 463 45.67 -13.61 28.49
N TYR A 464 46.21 -14.71 29.06
CA TYR A 464 47.59 -14.88 29.50
C TYR A 464 48.59 -15.19 28.38
N HIS A 465 48.49 -14.46 27.26
CA HIS A 465 49.36 -14.52 26.09
C HIS A 465 49.04 -13.28 25.26
N LYS A 466 49.66 -13.15 24.09
CA LYS A 466 49.35 -12.04 23.21
C LYS A 466 48.46 -12.53 22.09
N CYS A 467 47.51 -11.68 21.67
CA CYS A 467 46.59 -11.96 20.59
C CYS A 467 46.56 -10.78 19.66
N ASP A 468 46.89 -11.05 18.39
CA ASP A 468 46.89 -10.07 17.31
C ASP A 468 45.43 -9.85 16.91
N ASN A 469 45.14 -8.79 16.12
CA ASN A 469 43.78 -8.50 15.68
C ASN A 469 43.06 -9.71 15.02
N ALA A 470 43.83 -10.73 14.63
CA ALA A 470 43.32 -11.97 14.02
C ALA A 470 42.96 -13.02 15.09
N CYS A 471 43.63 -12.98 16.27
CA CYS A 471 43.37 -13.89 17.38
C CYS A 471 42.04 -13.55 18.06
N ILE A 472 41.77 -12.24 18.27
CA ILE A 472 40.51 -11.77 18.88
C ILE A 472 39.37 -12.08 17.91
N GLY A 473 39.64 -11.87 16.61
CA GLY A 473 38.73 -12.18 15.52
C GLY A 473 38.29 -13.63 15.54
N SER A 474 39.23 -14.56 15.81
CA SER A 474 38.98 -15.99 15.91
C SER A 474 38.11 -16.34 17.13
N ILE A 475 38.21 -15.55 18.23
CA ILE A 475 37.41 -15.74 19.45
C ILE A 475 35.97 -15.29 19.17
N ARG A 476 35.79 -14.03 18.73
CA ARG A 476 34.49 -13.44 18.44
C ARG A 476 33.77 -14.09 17.25
N ASN A 477 34.52 -14.62 16.24
CA ASN A 477 33.92 -15.28 15.07
C ASN A 477 33.79 -16.81 15.30
N GLY A 478 34.08 -17.25 16.53
CA GLY A 478 33.95 -18.63 16.97
C GLY A 478 35.03 -19.63 16.59
N THR A 479 35.91 -19.30 15.63
CA THR A 479 36.97 -20.20 15.14
C THR A 479 38.27 -20.11 15.98
N TYR A 480 38.17 -20.32 17.31
CA TYR A 480 39.31 -20.30 18.23
C TYR A 480 39.33 -21.59 19.03
N ASP A 481 40.55 -22.06 19.40
CA ASP A 481 40.74 -23.23 20.25
C ASP A 481 41.94 -23.06 21.19
N HIS A 482 41.76 -23.51 22.44
CA HIS A 482 42.72 -23.42 23.55
C HIS A 482 44.02 -24.18 23.33
N ASP A 483 44.01 -25.23 22.48
CA ASP A 483 45.18 -26.08 22.19
C ASP A 483 46.35 -25.33 21.51
N VAL A 484 46.04 -24.40 20.59
CA VAL A 484 47.04 -23.60 19.86
C VAL A 484 47.87 -22.74 20.83
N TYR A 485 47.20 -21.93 21.67
CA TYR A 485 47.83 -21.03 22.63
C TYR A 485 47.99 -21.66 24.02
N ARG A 486 47.93 -23.01 24.12
CA ARG A 486 48.01 -23.78 25.38
C ARG A 486 49.28 -23.48 26.22
N ASP A 487 50.46 -23.98 25.77
CA ASP A 487 51.76 -23.83 26.46
C ASP A 487 52.16 -22.38 26.73
N GLU A 488 51.83 -21.46 25.79
CA GLU A 488 52.09 -20.03 25.87
C GLU A 488 51.33 -19.39 27.05
N ALA A 489 50.06 -19.81 27.26
CA ALA A 489 49.20 -19.32 28.33
C ALA A 489 49.61 -19.87 29.70
N LEU A 490 50.04 -21.14 29.73
CA LEU A 490 50.50 -21.81 30.95
C LEU A 490 51.74 -21.13 31.52
N ASN A 491 52.59 -20.56 30.64
CA ASN A 491 53.82 -19.85 31.01
C ASN A 491 53.56 -18.55 31.76
N ASN A 492 52.87 -17.59 31.11
CA ASN A 492 52.55 -16.26 31.67
C ASN A 492 51.68 -16.32 32.93
N ARG A 493 50.81 -17.36 33.06
CA ARG A 493 49.91 -17.53 34.20
C ARG A 493 50.66 -17.80 35.50
N PHE A 494 51.72 -18.64 35.43
CA PHE A 494 52.56 -18.96 36.59
C PHE A 494 53.67 -17.91 36.79
N GLN A 495 53.25 -16.65 36.97
CA GLN A 495 54.07 -15.45 37.20
C GLN A 495 53.16 -14.29 37.63
N VAL B 1 20.57 13.93 4.38
CA VAL B 1 21.73 13.04 4.42
C VAL B 1 22.04 12.50 2.99
N GLN B 2 21.72 13.32 1.96
CA GLN B 2 21.87 13.02 0.51
C GLN B 2 23.18 12.33 0.13
N LEU B 3 23.10 11.37 -0.84
CA LEU B 3 24.25 10.61 -1.37
C LEU B 3 24.47 10.97 -2.83
N VAL B 4 25.75 11.10 -3.22
CA VAL B 4 26.14 11.45 -4.59
C VAL B 4 27.15 10.45 -5.15
N GLU B 5 26.85 9.88 -6.33
CA GLU B 5 27.69 8.87 -6.98
C GLU B 5 28.47 9.42 -8.19
N SER B 6 29.61 8.76 -8.53
CA SER B 6 30.48 9.13 -9.65
C SER B 6 31.33 7.95 -10.18
N GLY B 7 31.80 8.10 -11.44
CA GLY B 7 32.65 7.12 -12.11
C GLY B 7 31.93 6.25 -13.12
N GLY B 8 30.96 6.84 -13.81
CA GLY B 8 30.13 6.15 -14.79
C GLY B 8 30.74 5.92 -16.15
N GLY B 9 29.96 6.23 -17.18
CA GLY B 9 30.31 6.12 -18.60
C GLY B 9 30.60 4.72 -19.10
N VAL B 10 31.10 4.65 -20.35
CA VAL B 10 31.47 3.42 -21.04
C VAL B 10 32.83 2.95 -20.56
N VAL B 11 33.02 1.63 -20.40
CA VAL B 11 34.27 1.02 -19.96
C VAL B 11 34.56 -0.28 -20.76
N GLN B 12 35.83 -0.47 -21.17
CA GLN B 12 36.27 -1.64 -21.94
C GLN B 12 36.82 -2.72 -21.00
N PRO B 13 36.39 -4.01 -21.15
CA PRO B 13 36.91 -5.08 -20.28
C PRO B 13 38.43 -5.12 -20.22
N GLY B 14 38.95 -5.24 -19.00
CA GLY B 14 40.39 -5.23 -18.74
C GLY B 14 40.75 -4.05 -17.85
N LYS B 15 40.03 -2.93 -18.05
CA LYS B 15 40.16 -1.69 -17.27
C LYS B 15 39.56 -1.94 -15.87
N SER B 16 39.89 -1.09 -14.90
CA SER B 16 39.37 -1.25 -13.55
C SER B 16 38.71 0.06 -13.08
N PRO B 17 37.47 0.36 -13.54
CA PRO B 17 36.83 1.63 -13.12
C PRO B 17 36.51 1.67 -11.64
N ARG B 18 36.59 2.87 -11.05
CA ARG B 18 36.35 3.09 -9.63
C ARG B 18 35.06 3.89 -9.48
N LEU B 19 34.09 3.31 -8.76
CA LEU B 19 32.79 3.91 -8.48
C LEU B 19 32.85 4.59 -7.11
N SER B 20 32.46 5.86 -7.04
CA SER B 20 32.54 6.64 -5.81
C SER B 20 31.17 7.10 -5.31
N CYS B 21 30.92 6.99 -3.98
CA CYS B 21 29.67 7.40 -3.34
C CYS B 21 29.98 8.28 -2.13
N ALA B 22 29.76 9.62 -2.29
CA ALA B 22 30.02 10.66 -1.29
C ALA B 22 28.79 11.07 -0.48
N ALA B 23 28.99 11.49 0.78
CA ALA B 23 27.91 11.93 1.68
C ALA B 23 27.67 13.46 1.73
N SER B 24 27.35 14.00 2.93
CA SER B 24 27.08 15.43 3.20
C SER B 24 27.55 15.87 4.63
N GLY B 25 28.42 15.07 5.26
CA GLY B 25 28.96 15.32 6.59
C GLY B 25 28.25 14.57 7.69
N SER B 29 28.03 11.84 10.85
CA SER B 29 29.23 11.00 10.77
C SER B 29 29.14 9.96 9.63
N SER B 30 29.38 8.66 9.93
CA SER B 30 29.38 7.57 8.94
C SER B 30 28.62 6.30 9.36
N TYR B 31 27.88 5.73 8.39
CA TYR B 31 27.12 4.47 8.51
C TYR B 31 27.85 3.40 7.67
N ALA B 32 27.22 2.24 7.44
CA ALA B 32 27.74 1.19 6.56
C ALA B 32 27.22 1.54 5.17
N VAL B 33 27.87 1.05 4.10
CA VAL B 33 27.39 1.35 2.75
C VAL B 33 27.31 0.06 1.93
N HIS B 34 26.17 -0.10 1.23
CA HIS B 34 25.85 -1.22 0.35
C HIS B 34 25.80 -0.75 -1.10
N TRP B 35 25.91 -1.68 -2.04
CA TRP B 35 25.80 -1.39 -3.46
C TRP B 35 24.81 -2.38 -4.07
N VAL B 36 23.76 -1.83 -4.70
CA VAL B 36 22.71 -2.60 -5.35
C VAL B 36 22.71 -2.18 -6.80
N ARG B 37 22.88 -3.14 -7.71
CA ARG B 37 22.91 -2.86 -9.14
C ARG B 37 21.65 -3.32 -9.86
N GLN B 38 21.31 -2.64 -10.97
CA GLN B 38 20.16 -2.93 -11.82
C GLN B 38 20.59 -2.99 -13.30
N ALA B 39 20.63 -4.21 -13.89
CA ALA B 39 20.98 -4.43 -15.30
C ALA B 39 19.90 -3.81 -16.20
N PRO B 40 20.21 -3.36 -17.45
CA PRO B 40 19.15 -2.72 -18.27
C PRO B 40 17.96 -3.66 -18.54
N GLY B 41 16.77 -3.17 -18.18
CA GLY B 41 15.51 -3.90 -18.31
C GLY B 41 15.28 -4.97 -17.26
N LYS B 42 16.31 -5.30 -16.48
CA LYS B 42 16.24 -6.32 -15.43
C LYS B 42 15.97 -5.71 -14.04
N GLY B 43 15.86 -6.57 -13.03
CA GLY B 43 15.57 -6.18 -11.65
C GLY B 43 16.79 -5.83 -10.82
N LEU B 44 16.56 -5.60 -9.51
CA LEU B 44 17.59 -5.22 -8.53
C LEU B 44 18.37 -6.43 -8.05
N GLU B 45 19.71 -6.25 -7.89
CA GLU B 45 20.66 -7.26 -7.43
C GLU B 45 21.64 -6.65 -6.42
N TRP B 46 21.74 -7.25 -5.22
CA TRP B 46 22.68 -6.79 -4.21
C TRP B 46 24.06 -7.36 -4.57
N VAL B 47 25.09 -6.47 -4.66
CA VAL B 47 26.45 -6.89 -5.01
C VAL B 47 27.41 -6.83 -3.83
N THR B 48 27.48 -5.71 -3.11
CA THR B 48 28.44 -5.61 -2.01
C THR B 48 27.99 -4.72 -0.86
N LEU B 49 28.78 -4.72 0.22
CA LEU B 49 28.64 -3.87 1.39
C LEU B 49 29.98 -3.77 2.12
N ILE B 50 30.20 -2.61 2.76
CA ILE B 50 31.34 -2.34 3.64
C ILE B 50 30.79 -1.85 4.99
N SER B 51 31.42 -2.29 6.09
CA SER B 51 31.07 -1.94 7.46
C SER B 51 31.20 -0.43 7.71
N TYR B 52 30.64 0.07 8.84
CA TYR B 52 30.71 1.48 9.24
C TYR B 52 32.18 1.90 9.41
N ASP B 53 32.99 1.01 9.99
CA ASP B 53 34.41 1.20 10.19
C ASP B 53 35.23 0.71 8.97
N GLY B 54 34.83 -0.41 8.39
CA GLY B 54 35.50 -0.99 7.22
C GLY B 54 36.13 -2.34 7.49
N ALA B 55 36.13 -2.78 8.78
CA ALA B 55 36.71 -4.05 9.23
C ALA B 55 36.20 -5.26 8.44
N ASN B 56 34.91 -5.25 8.08
CA ASN B 56 34.26 -6.32 7.33
C ASN B 56 33.74 -5.83 5.98
N GLN B 57 33.88 -6.68 4.93
CA GLN B 57 33.40 -6.41 3.56
C GLN B 57 32.80 -7.70 2.99
N TYR B 58 31.57 -7.62 2.48
CA TYR B 58 30.85 -8.77 1.93
C TYR B 58 30.48 -8.53 0.48
N TYR B 59 30.72 -9.54 -0.36
CA TYR B 59 30.48 -9.51 -1.81
C TYR B 59 29.58 -10.67 -2.22
N ALA B 60 28.74 -10.44 -3.25
CA ALA B 60 27.87 -11.45 -3.81
C ALA B 60 28.71 -12.44 -4.62
N ASP B 61 28.22 -13.68 -4.83
CA ASP B 61 28.93 -14.70 -5.62
C ASP B 61 29.19 -14.24 -7.07
N SER B 62 28.35 -13.33 -7.57
CA SER B 62 28.44 -12.76 -8.92
C SER B 62 29.71 -11.95 -9.12
N VAL B 63 30.08 -11.12 -8.13
CA VAL B 63 31.26 -10.23 -8.21
C VAL B 63 32.41 -10.64 -7.26
N LYS B 64 32.30 -11.80 -6.59
CA LYS B 64 33.33 -12.30 -5.66
C LYS B 64 34.67 -12.54 -6.40
N GLY B 65 35.72 -11.87 -5.92
CA GLY B 65 37.07 -11.95 -6.49
C GLY B 65 37.33 -10.96 -7.60
N ARG B 66 36.29 -10.30 -8.11
CA ARG B 66 36.43 -9.34 -9.20
C ARG B 66 36.27 -7.92 -8.69
N PHE B 67 35.40 -7.71 -7.69
CA PHE B 67 35.12 -6.39 -7.12
C PHE B 67 35.71 -6.26 -5.74
N THR B 68 36.06 -5.02 -5.37
CA THR B 68 36.69 -4.64 -4.11
C THR B 68 35.96 -3.41 -3.58
N ILE B 69 35.73 -3.35 -2.26
CA ILE B 69 35.07 -2.20 -1.63
C ILE B 69 36.01 -1.61 -0.55
N SER B 70 36.15 -0.29 -0.56
CA SER B 70 37.01 0.45 0.36
C SER B 70 36.30 1.70 0.83
N ARG B 71 36.80 2.35 1.90
CA ARG B 71 36.23 3.60 2.40
C ARG B 71 37.27 4.56 2.98
N ASP B 72 37.15 5.84 2.62
CA ASP B 72 38.02 6.91 3.09
C ASP B 72 37.18 7.89 3.91
N ASN B 73 37.06 7.60 5.23
CA ASN B 73 36.29 8.40 6.20
C ASN B 73 36.70 9.88 6.17
N SER B 74 38.01 10.13 5.94
CA SER B 74 38.65 11.44 5.80
C SER B 74 37.93 12.23 4.69
N LYS B 75 37.69 11.58 3.53
CA LYS B 75 37.00 12.16 2.38
C LYS B 75 35.49 11.95 2.48
N ASN B 76 35.03 11.13 3.46
CA ASN B 76 33.62 10.79 3.73
C ASN B 76 32.98 10.09 2.50
N THR B 77 33.70 9.10 1.93
CA THR B 77 33.31 8.35 0.73
C THR B 77 33.59 6.85 0.80
N VAL B 78 32.90 6.10 -0.07
CA VAL B 78 33.04 4.66 -0.25
C VAL B 78 33.41 4.40 -1.72
N TYR B 79 34.36 3.49 -1.94
CA TYR B 79 34.85 3.17 -3.27
C TYR B 79 34.60 1.74 -3.68
N LEU B 80 33.87 1.58 -4.78
CA LEU B 80 33.58 0.29 -5.38
C LEU B 80 34.58 0.13 -6.53
N GLN B 81 35.70 -0.53 -6.22
CA GLN B 81 36.73 -0.80 -7.21
C GLN B 81 36.32 -2.07 -7.92
N MET B 82 36.04 -1.95 -9.22
CA MET B 82 35.61 -3.09 -10.02
C MET B 82 36.62 -3.46 -11.10
N ASN B 83 37.25 -4.63 -10.94
CA ASN B 83 38.20 -5.20 -11.88
C ASN B 83 37.64 -6.53 -12.41
N SER B 84 38.42 -7.26 -13.24
CA SER B 84 38.04 -8.55 -13.86
C SER B 84 36.61 -8.50 -14.43
N LEU B 85 36.36 -7.48 -15.27
CA LEU B 85 35.08 -7.17 -15.92
C LEU B 85 34.51 -8.28 -16.82
N ARG B 86 33.17 -8.31 -16.89
CA ARG B 86 32.35 -9.21 -17.70
C ARG B 86 31.24 -8.31 -18.28
N PRO B 87 30.73 -8.49 -19.53
CA PRO B 87 29.68 -7.57 -20.04
C PRO B 87 28.34 -7.70 -19.31
N GLU B 88 28.33 -8.54 -18.25
CA GLU B 88 27.22 -8.83 -17.35
C GLU B 88 27.26 -7.88 -16.16
N ASP B 89 28.15 -6.87 -16.21
CA ASP B 89 28.29 -5.84 -15.19
C ASP B 89 27.71 -4.52 -15.70
N THR B 90 27.20 -4.53 -16.95
CA THR B 90 26.53 -3.39 -17.56
C THR B 90 25.24 -3.27 -16.74
N ALA B 91 25.21 -2.27 -15.83
CA ALA B 91 24.11 -2.03 -14.88
C ALA B 91 24.17 -0.61 -14.31
N VAL B 92 23.03 -0.13 -13.76
CA VAL B 92 22.98 1.14 -13.05
C VAL B 92 23.31 0.79 -11.61
N TYR B 93 24.38 1.38 -11.10
CA TYR B 93 24.86 1.13 -9.76
C TYR B 93 24.29 2.16 -8.80
N TYR B 94 23.72 1.66 -7.69
CA TYR B 94 23.13 2.47 -6.63
C TYR B 94 23.84 2.13 -5.32
N CYS B 95 24.29 3.15 -4.58
CA CYS B 95 24.88 2.94 -3.27
C CYS B 95 23.75 3.18 -2.27
N ALA B 96 23.71 2.41 -1.18
CA ALA B 96 22.64 2.54 -0.21
C ALA B 96 23.09 2.47 1.23
N VAL B 97 22.33 3.12 2.12
CA VAL B 97 22.59 3.14 3.56
C VAL B 97 21.56 2.29 4.31
N PRO B 98 22.02 1.28 5.11
CA PRO B 98 21.07 0.44 5.88
C PRO B 98 20.32 1.23 6.94
N GLY B 99 19.01 1.02 7.02
CA GLY B 99 18.16 1.68 8.00
C GLY B 99 18.18 1.03 9.38
N PRO B 100 17.88 1.82 10.45
CA PRO B 100 17.90 1.24 11.81
C PRO B 100 16.75 0.30 12.13
N VAL B 101 17.03 -0.67 13.00
CA VAL B 101 16.06 -1.64 13.45
C VAL B 101 16.05 -1.66 14.98
N PHE B 102 14.90 -1.28 15.59
CA PHE B 102 14.70 -1.19 17.04
C PHE B 102 15.78 -0.37 17.79
N GLY B 103 16.17 0.78 17.21
CA GLY B 103 17.18 1.65 17.80
C GLY B 103 18.64 1.41 17.38
N ILE B 104 18.97 0.15 16.99
CA ILE B 104 20.33 -0.21 16.56
C ILE B 104 20.44 -0.22 15.02
N PHE B 105 21.67 0.04 14.50
CA PHE B 105 21.96 0.15 13.07
C PHE B 105 22.88 -1.01 12.59
N PRO B 106 22.40 -2.27 12.46
CA PRO B 106 23.30 -3.33 11.99
C PRO B 106 23.51 -3.25 10.48
N PRO B 107 24.66 -3.75 9.94
CA PRO B 107 24.94 -3.62 8.50
C PRO B 107 23.89 -4.20 7.54
N TRP B 108 23.29 -5.36 7.89
CA TRP B 108 22.29 -5.99 7.03
C TRP B 108 20.84 -5.58 7.42
N SER B 109 20.19 -4.80 6.54
CA SER B 109 18.85 -4.30 6.74
C SER B 109 18.21 -3.72 5.49
N TYR B 110 17.13 -2.96 5.67
CA TYR B 110 16.42 -2.24 4.62
C TYR B 110 17.23 -0.98 4.25
N PHE B 111 16.91 -0.31 3.12
CA PHE B 111 17.67 0.86 2.73
C PHE B 111 16.81 2.07 2.70
N ASP B 112 17.02 2.98 3.66
CA ASP B 112 16.24 4.21 3.78
C ASP B 112 16.89 5.40 3.06
N ASN B 113 18.09 5.19 2.47
CA ASN B 113 18.82 6.24 1.76
C ASN B 113 19.49 5.65 0.52
N TRP B 114 19.25 6.27 -0.64
CA TRP B 114 19.79 5.81 -1.92
C TRP B 114 20.50 6.91 -2.71
N GLY B 115 21.52 6.52 -3.48
CA GLY B 115 22.23 7.39 -4.39
C GLY B 115 21.41 7.57 -5.65
N GLN B 116 21.72 8.60 -6.48
CA GLN B 116 20.94 8.89 -7.69
C GLN B 116 21.01 7.78 -8.77
N GLY B 117 22.10 7.02 -8.78
CA GLY B 117 22.31 5.95 -9.75
C GLY B 117 23.29 6.34 -10.83
N ILE B 118 24.32 5.52 -11.01
CA ILE B 118 25.36 5.74 -12.02
C ILE B 118 25.48 4.51 -12.92
N LEU B 119 25.30 4.71 -14.23
CA LEU B 119 25.36 3.64 -15.22
C LEU B 119 26.76 3.38 -15.75
N VAL B 120 27.16 2.10 -15.77
CA VAL B 120 28.43 1.64 -16.34
C VAL B 120 28.12 0.73 -17.56
N THR B 121 28.99 0.73 -18.58
CA THR B 121 28.74 -0.04 -19.79
C THR B 121 29.95 -0.90 -20.21
N VAL B 122 30.07 -2.14 -19.70
CA VAL B 122 31.15 -3.07 -20.06
C VAL B 122 30.87 -3.52 -21.50
N SER B 123 31.68 -3.04 -22.48
CA SER B 123 31.38 -3.36 -23.88
C SER B 123 32.56 -3.59 -24.85
N SER B 124 33.69 -2.83 -24.70
CA SER B 124 34.84 -2.84 -25.62
C SER B 124 34.39 -2.60 -27.07
N ALA B 125 33.70 -1.47 -27.31
CA ALA B 125 33.18 -1.16 -28.64
C ALA B 125 33.51 0.24 -29.10
N SER B 126 33.79 0.37 -30.40
CA SER B 126 34.10 1.62 -31.10
C SER B 126 32.91 2.59 -30.99
N THR B 127 33.18 3.90 -30.84
CA THR B 127 32.15 4.92 -30.72
C THR B 127 31.59 5.21 -32.14
N LYS B 128 30.87 4.22 -32.72
CA LYS B 128 30.30 4.26 -34.07
C LYS B 128 29.03 5.13 -34.15
N GLY B 129 28.90 5.85 -35.25
CA GLY B 129 27.75 6.69 -35.54
C GLY B 129 26.62 5.90 -36.18
N PRO B 130 25.35 6.30 -35.98
CA PRO B 130 24.25 5.52 -36.56
C PRO B 130 24.04 5.73 -38.05
N SER B 131 23.50 4.69 -38.69
CA SER B 131 23.16 4.69 -40.10
C SER B 131 21.63 4.71 -40.13
N VAL B 132 21.04 5.87 -40.44
CA VAL B 132 19.59 6.07 -40.45
C VAL B 132 18.98 5.63 -41.79
N PHE B 133 18.19 4.56 -41.75
CA PHE B 133 17.49 3.99 -42.91
C PHE B 133 15.99 4.25 -42.78
N PRO B 134 15.24 4.48 -43.87
CA PRO B 134 13.80 4.75 -43.72
C PRO B 134 12.91 3.51 -43.73
N LEU B 135 11.70 3.65 -43.17
CA LEU B 135 10.67 2.62 -43.15
C LEU B 135 9.51 3.18 -43.99
N ALA B 136 9.53 2.83 -45.28
CA ALA B 136 8.60 3.29 -46.30
C ALA B 136 7.15 2.85 -46.10
N PRO B 137 6.18 3.80 -46.15
CA PRO B 137 4.76 3.41 -46.00
C PRO B 137 4.19 2.77 -47.26
N SER B 138 3.62 1.55 -47.13
CA SER B 138 3.05 0.77 -48.25
C SER B 138 1.70 1.33 -48.75
N SER B 139 1.38 1.04 -50.03
CA SER B 139 0.14 1.47 -50.70
C SER B 139 -1.10 0.85 -50.07
N THR B 146 -3.96 2.56 -41.35
CA THR B 146 -4.20 3.74 -42.18
C THR B 146 -3.71 5.01 -41.43
N ALA B 147 -2.41 5.39 -41.50
CA ALA B 147 -1.29 4.74 -42.20
C ALA B 147 0.03 5.01 -41.43
N ALA B 148 0.94 4.01 -41.36
CA ALA B 148 2.20 4.10 -40.62
C ALA B 148 3.47 4.10 -41.47
N LEU B 149 4.52 4.79 -40.95
CA LEU B 149 5.86 4.98 -41.53
C LEU B 149 6.89 5.17 -40.39
N GLY B 150 8.18 4.96 -40.66
CA GLY B 150 9.21 5.12 -39.63
C GLY B 150 10.65 5.30 -40.09
N CYS B 151 11.60 5.19 -39.13
CA CYS B 151 13.05 5.33 -39.32
C CYS B 151 13.86 4.28 -38.53
N LEU B 152 14.56 3.37 -39.23
CA LEU B 152 15.41 2.36 -38.62
C LEU B 152 16.78 2.99 -38.37
N VAL B 153 17.07 3.34 -37.11
CA VAL B 153 18.34 3.98 -36.68
C VAL B 153 19.30 2.85 -36.22
N LYS B 154 19.85 2.11 -37.20
CA LYS B 154 20.73 0.97 -36.97
C LYS B 154 22.17 1.32 -36.61
N ASP B 155 22.85 0.36 -35.95
CA ASP B 155 24.26 0.29 -35.51
C ASP B 155 24.89 1.62 -35.07
N TYR B 156 24.82 1.91 -33.76
CA TYR B 156 25.41 3.09 -33.13
C TYR B 156 25.95 2.73 -31.76
N PHE B 157 26.84 3.57 -31.22
CA PHE B 157 27.47 3.36 -29.92
C PHE B 157 28.10 4.66 -29.44
N PRO B 158 27.92 5.04 -28.17
CA PRO B 158 27.14 4.41 -27.10
C PRO B 158 25.71 4.97 -27.01
N GLU B 159 25.08 4.84 -25.83
CA GLU B 159 23.74 5.36 -25.56
C GLU B 159 23.84 6.85 -25.18
N PRO B 160 22.93 7.75 -25.61
CA PRO B 160 21.66 7.55 -26.34
C PRO B 160 21.61 8.23 -27.72
N VAL B 161 20.40 8.28 -28.33
CA VAL B 161 20.12 8.98 -29.59
C VAL B 161 18.79 9.72 -29.45
N THR B 162 18.76 11.00 -29.86
CA THR B 162 17.53 11.77 -29.77
C THR B 162 16.92 11.90 -31.17
N VAL B 163 15.68 11.38 -31.31
CA VAL B 163 14.90 11.38 -32.55
C VAL B 163 13.65 12.25 -32.35
N SER B 164 13.37 13.12 -33.31
CA SER B 164 12.21 14.01 -33.35
C SER B 164 11.67 14.03 -34.79
N TRP B 165 10.35 14.14 -34.98
CA TRP B 165 9.78 14.13 -36.33
C TRP B 165 9.44 15.54 -36.82
N ASN B 166 10.06 15.91 -37.96
CA ASN B 166 9.98 17.20 -38.66
C ASN B 166 10.48 18.35 -37.78
N SER B 167 11.66 18.14 -37.14
CA SER B 167 12.35 19.06 -36.22
C SER B 167 11.47 19.47 -35.01
N GLY B 168 10.67 18.51 -34.54
CA GLY B 168 9.75 18.69 -33.42
C GLY B 168 8.42 19.30 -33.80
N ALA B 169 7.96 19.08 -35.05
CA ALA B 169 6.69 19.62 -35.54
C ALA B 169 5.55 18.73 -35.07
N LEU B 170 5.55 17.44 -35.50
CA LEU B 170 4.54 16.47 -35.11
C LEU B 170 4.88 15.75 -33.81
N THR B 171 3.89 15.64 -32.93
CA THR B 171 4.01 15.02 -31.61
C THR B 171 3.03 13.86 -31.46
N SER B 172 1.76 14.07 -31.87
CA SER B 172 0.74 13.03 -31.77
C SER B 172 0.91 11.96 -32.85
N GLY B 173 0.93 10.71 -32.41
CA GLY B 173 1.10 9.54 -33.27
C GLY B 173 2.51 8.96 -33.21
N VAL B 174 3.43 9.69 -32.54
CA VAL B 174 4.83 9.30 -32.38
C VAL B 174 4.98 8.13 -31.42
N HIS B 175 5.97 7.26 -31.71
CA HIS B 175 6.33 6.10 -30.93
C HIS B 175 7.79 5.79 -31.19
N THR B 176 8.67 6.20 -30.26
CA THR B 176 10.10 5.93 -30.38
C THR B 176 10.44 4.81 -29.43
N PHE B 177 10.74 3.64 -29.99
CA PHE B 177 11.08 2.42 -29.27
C PHE B 177 12.42 2.51 -28.56
N PRO B 178 12.59 1.86 -27.37
CA PRO B 178 13.91 1.87 -26.72
C PRO B 178 14.95 1.12 -27.56
N ALA B 179 16.23 1.40 -27.28
CA ALA B 179 17.34 0.79 -28.00
C ALA B 179 17.54 -0.69 -27.62
N VAL B 180 17.76 -1.54 -28.65
CA VAL B 180 18.07 -2.95 -28.45
C VAL B 180 19.56 -3.15 -28.68
N LEU B 181 20.23 -3.91 -27.80
CA LEU B 181 21.65 -4.22 -27.94
C LEU B 181 21.80 -5.48 -28.79
N GLN B 182 22.43 -5.30 -29.98
CA GLN B 182 22.66 -6.37 -30.94
C GLN B 182 23.81 -7.30 -30.54
N SER B 183 24.04 -8.35 -31.36
CA SER B 183 25.16 -9.27 -31.19
C SER B 183 26.44 -8.50 -31.55
N SER B 184 26.31 -7.52 -32.48
CA SER B 184 27.36 -6.62 -32.95
C SER B 184 27.92 -5.72 -31.82
N GLY B 185 27.29 -5.78 -30.64
CA GLY B 185 27.66 -4.96 -29.49
C GLY B 185 27.29 -3.50 -29.66
N LEU B 186 26.48 -3.22 -30.69
CA LEU B 186 26.00 -1.88 -31.03
C LEU B 186 24.50 -1.81 -30.81
N TYR B 187 24.00 -0.59 -30.54
CA TYR B 187 22.57 -0.35 -30.32
C TYR B 187 21.85 0.00 -31.62
N SER B 188 20.53 -0.25 -31.67
CA SER B 188 19.66 0.10 -32.80
C SER B 188 18.22 0.32 -32.32
N LEU B 189 17.54 1.31 -32.90
CA LEU B 189 16.16 1.61 -32.55
C LEU B 189 15.35 2.08 -33.73
N SER B 190 14.02 1.99 -33.60
CA SER B 190 13.06 2.45 -34.60
C SER B 190 12.20 3.54 -33.96
N SER B 191 11.66 4.44 -34.80
CA SER B 191 10.76 5.51 -34.38
C SER B 191 9.68 5.58 -35.44
N VAL B 192 8.41 5.48 -35.03
CA VAL B 192 7.30 5.47 -35.98
C VAL B 192 6.29 6.58 -35.70
N VAL B 193 5.42 6.84 -36.70
CA VAL B 193 4.35 7.83 -36.69
C VAL B 193 3.15 7.35 -37.51
N THR B 194 1.96 7.89 -37.20
CA THR B 194 0.71 7.57 -37.90
C THR B 194 -0.04 8.83 -38.35
N VAL B 195 -0.57 8.81 -39.60
CA VAL B 195 -1.36 9.89 -40.24
C VAL B 195 -2.15 9.28 -41.44
N PRO B 196 -3.32 9.88 -41.89
CA PRO B 196 -4.09 9.26 -42.99
C PRO B 196 -3.32 8.90 -44.27
N SER B 197 -3.76 7.81 -44.96
CA SER B 197 -3.15 7.31 -46.21
C SER B 197 -3.36 8.26 -47.43
N SER B 198 -4.02 9.41 -47.19
CA SER B 198 -4.28 10.44 -48.19
C SER B 198 -3.24 11.56 -48.07
N SER B 199 -3.02 12.04 -46.82
CA SER B 199 -2.12 13.13 -46.45
C SER B 199 -0.62 12.87 -46.70
N LEU B 200 -0.23 11.60 -47.00
CA LEU B 200 1.16 11.22 -47.29
C LEU B 200 1.74 11.87 -48.57
N GLY B 201 0.90 12.02 -49.60
CA GLY B 201 1.26 12.61 -50.88
C GLY B 201 1.59 14.09 -50.80
N THR B 202 0.88 14.80 -49.91
CA THR B 202 1.03 16.23 -49.64
C THR B 202 2.28 16.44 -48.75
N GLN B 203 2.14 16.14 -47.44
CA GLN B 203 3.14 16.28 -46.38
C GLN B 203 4.35 15.35 -46.54
N THR B 204 5.55 15.88 -46.17
CA THR B 204 6.85 15.20 -46.21
C THR B 204 7.33 14.97 -44.76
N TYR B 205 7.92 13.79 -44.48
CA TYR B 205 8.39 13.43 -43.13
C TYR B 205 9.90 13.16 -43.04
N ILE B 206 10.58 13.90 -42.12
CA ILE B 206 12.02 13.80 -41.84
C ILE B 206 12.22 13.50 -40.35
N CYS B 207 12.98 12.44 -40.04
CA CYS B 207 13.29 12.04 -38.68
C CYS B 207 14.65 12.62 -38.24
N ASN B 208 14.62 13.69 -37.46
CA ASN B 208 15.82 14.36 -36.97
C ASN B 208 16.53 13.54 -35.90
N VAL B 209 17.49 12.71 -36.34
CA VAL B 209 18.29 11.82 -35.48
C VAL B 209 19.58 12.51 -35.03
N ASN B 210 19.85 12.54 -33.71
CA ASN B 210 21.04 13.19 -33.15
C ASN B 210 21.77 12.30 -32.13
N HIS B 211 23.08 12.06 -32.35
CA HIS B 211 23.95 11.26 -31.49
C HIS B 211 24.96 12.18 -30.81
N LYS B 212 24.98 12.23 -29.46
CA LYS B 212 25.90 13.06 -28.70
C LYS B 212 27.35 12.53 -28.83
N PRO B 213 27.79 11.35 -28.27
CA PRO B 213 29.16 10.88 -28.56
C PRO B 213 29.15 10.36 -30.00
N SER B 214 30.24 10.54 -30.75
CA SER B 214 30.30 10.22 -32.20
C SER B 214 29.38 11.21 -32.93
N ASN B 215 29.49 12.50 -32.53
CA ASN B 215 28.74 13.68 -32.96
C ASN B 215 28.22 13.60 -34.40
N THR B 216 26.89 13.55 -34.57
CA THR B 216 26.20 13.49 -35.87
C THR B 216 24.73 13.90 -35.73
N LYS B 217 24.22 14.69 -36.70
CA LYS B 217 22.85 15.18 -36.70
C LYS B 217 22.15 14.86 -38.05
N VAL B 218 22.06 13.56 -38.37
CA VAL B 218 21.46 12.99 -39.60
C VAL B 218 19.98 13.41 -39.81
N ASP B 219 19.56 13.46 -41.08
CA ASP B 219 18.20 13.77 -41.53
C ASP B 219 17.85 12.79 -42.64
N LYS B 220 16.65 12.18 -42.59
CA LYS B 220 16.21 11.20 -43.59
C LYS B 220 14.74 11.35 -43.95
N LYS B 221 14.44 11.46 -45.26
CA LYS B 221 13.08 11.59 -45.78
C LYS B 221 12.53 10.24 -46.26
N VAL B 222 11.23 10.02 -46.05
CA VAL B 222 10.52 8.80 -46.43
C VAL B 222 9.70 8.99 -47.72
N GLU B 223 9.75 8.00 -48.62
CA GLU B 223 9.01 8.04 -49.88
C GLU B 223 8.26 6.74 -50.14
N PRO B 224 6.98 6.78 -50.59
CA PRO B 224 6.25 5.53 -50.87
C PRO B 224 6.82 4.75 -52.06
N LYS B 225 6.77 3.40 -52.00
CA LYS B 225 7.28 2.53 -53.06
C LYS B 225 6.14 1.93 -53.89
N ILE C 1 18.61 -17.87 0.65
CA ILE C 1 17.15 -17.88 0.51
C ILE C 1 16.73 -17.10 -0.73
N VAL C 2 15.69 -17.57 -1.42
CA VAL C 2 15.22 -16.96 -2.66
C VAL C 2 13.77 -16.39 -2.51
N LEU C 3 13.57 -15.15 -3.01
CA LEU C 3 12.28 -14.47 -3.01
C LEU C 3 11.58 -14.58 -4.37
N THR C 4 10.32 -15.04 -4.38
CA THR C 4 9.50 -15.22 -5.58
C THR C 4 8.31 -14.27 -5.52
N GLN C 5 8.26 -13.29 -6.44
CA GLN C 5 7.20 -12.29 -6.46
C GLN C 5 6.15 -12.62 -7.49
N SER C 6 4.87 -12.46 -7.09
CA SER C 6 3.70 -12.75 -7.90
C SER C 6 2.57 -11.74 -7.73
N PRO C 7 1.87 -11.40 -8.82
CA PRO C 7 2.17 -11.81 -10.21
C PRO C 7 3.34 -11.00 -10.76
N ALA C 8 3.96 -11.45 -11.85
CA ALA C 8 5.04 -10.70 -12.49
C ALA C 8 4.51 -9.30 -12.87
N THR C 9 3.23 -9.24 -13.26
CA THR C 9 2.51 -8.02 -13.58
C THR C 9 1.09 -8.14 -13.07
N LEU C 10 0.56 -7.04 -12.53
CA LEU C 10 -0.77 -6.91 -11.95
C LEU C 10 -1.47 -5.69 -12.57
N SER C 11 -2.56 -5.95 -13.31
CA SER C 11 -3.38 -4.94 -13.99
C SER C 11 -4.44 -4.40 -13.02
N VAL C 12 -4.37 -3.10 -12.72
CA VAL C 12 -5.23 -2.44 -11.74
C VAL C 12 -5.75 -1.11 -12.30
N SER C 13 -7.01 -0.74 -11.98
CA SER C 13 -7.61 0.53 -12.37
C SER C 13 -7.55 1.44 -11.13
N PRO C 14 -7.47 2.79 -11.24
CA PRO C 14 -7.42 3.62 -10.02
C PRO C 14 -8.66 3.45 -9.15
N GLY C 15 -8.49 3.53 -7.84
CA GLY C 15 -9.56 3.32 -6.87
C GLY C 15 -9.53 1.92 -6.29
N GLU C 16 -9.26 0.91 -7.15
CA GLU C 16 -9.14 -0.52 -6.85
C GLU C 16 -8.02 -0.77 -5.83
N ARG C 17 -7.97 -2.01 -5.28
CA ARG C 17 -6.95 -2.44 -4.34
C ARG C 17 -5.97 -3.43 -5.01
N ALA C 18 -4.67 -3.28 -4.71
CA ALA C 18 -3.65 -4.17 -5.25
C ALA C 18 -3.15 -5.09 -4.15
N THR C 19 -2.88 -6.35 -4.48
CA THR C 19 -2.37 -7.30 -3.51
C THR C 19 -1.14 -8.01 -4.12
N LEU C 20 0.03 -7.55 -3.69
CA LEU C 20 1.34 -7.98 -4.12
C LEU C 20 1.90 -9.05 -3.16
N SER C 21 2.20 -10.25 -3.69
CA SER C 21 2.72 -11.35 -2.88
C SER C 21 4.24 -11.56 -3.01
N CYS C 22 4.89 -11.91 -1.88
CA CYS C 22 6.31 -12.25 -1.81
C CYS C 22 6.45 -13.57 -1.05
N ARG C 23 6.97 -14.59 -1.75
CA ARG C 23 7.18 -15.92 -1.17
C ARG C 23 8.65 -16.16 -0.96
N ALA C 24 9.02 -16.49 0.28
CA ALA C 24 10.40 -16.81 0.63
C ALA C 24 10.56 -18.33 0.62
N SER C 25 11.77 -18.83 0.26
CA SER C 25 12.07 -20.26 0.20
C SER C 25 12.00 -20.93 1.58
N GLN C 26 12.21 -20.13 2.65
CA GLN C 26 12.17 -20.54 4.05
C GLN C 26 11.81 -19.31 4.93
N VAL C 27 11.38 -19.55 6.20
CA VAL C 27 10.95 -18.52 7.15
C VAL C 27 12.01 -17.41 7.33
N ILE C 28 11.57 -16.14 7.11
CA ILE C 28 12.42 -14.95 7.16
C ILE C 28 12.19 -14.04 8.40
N SER C 29 11.45 -14.53 9.44
CA SER C 29 11.14 -13.86 10.72
C SER C 29 10.79 -12.34 10.59
N HIS C 30 9.94 -12.01 9.59
CA HIS C 30 9.41 -10.67 9.28
C HIS C 30 10.45 -9.67 8.78
N ASN C 31 11.65 -10.13 8.44
CA ASN C 31 12.70 -9.27 7.91
C ASN C 31 12.53 -9.06 6.42
N LEU C 32 11.50 -8.29 6.09
CA LEU C 32 11.16 -7.97 4.72
C LEU C 32 10.89 -6.49 4.59
N ALA C 33 11.26 -5.92 3.44
CA ALA C 33 11.08 -4.52 3.09
C ALA C 33 10.53 -4.41 1.67
N TRP C 34 9.67 -3.42 1.42
CA TRP C 34 9.05 -3.22 0.10
C TRP C 34 9.47 -1.90 -0.50
N TYR C 35 9.81 -1.91 -1.81
CA TYR C 35 10.26 -0.71 -2.52
C TYR C 35 9.43 -0.41 -3.74
N GLN C 36 9.27 0.90 -4.05
CA GLN C 36 8.56 1.39 -5.22
C GLN C 36 9.60 2.00 -6.16
N GLN C 37 9.70 1.48 -7.38
CA GLN C 37 10.66 2.04 -8.33
C GLN C 37 9.98 2.62 -9.54
N LYS C 38 10.09 3.94 -9.67
CA LYS C 38 9.55 4.66 -10.81
C LYS C 38 10.66 4.68 -11.89
N PRO C 39 10.32 4.75 -13.20
CA PRO C 39 11.38 4.70 -14.22
C PRO C 39 12.38 5.85 -14.15
N GLY C 40 13.66 5.48 -14.18
CA GLY C 40 14.77 6.42 -14.12
C GLY C 40 15.35 6.63 -12.74
N GLN C 41 14.47 6.78 -11.73
CA GLN C 41 14.90 7.02 -10.34
C GLN C 41 15.17 5.74 -9.52
N ALA C 42 15.83 5.93 -8.37
CA ALA C 42 16.21 4.92 -7.39
C ALA C 42 14.96 4.37 -6.65
N PRO C 43 14.96 3.08 -6.21
CA PRO C 43 13.79 2.56 -5.48
C PRO C 43 13.51 3.35 -4.20
N ARG C 44 12.21 3.52 -3.90
CA ARG C 44 11.69 4.26 -2.75
C ARG C 44 11.21 3.28 -1.69
N LEU C 45 11.82 3.29 -0.47
CA LEU C 45 11.44 2.42 0.65
C LEU C 45 10.01 2.71 1.15
N LEU C 46 9.13 1.70 1.16
CA LEU C 46 7.76 1.87 1.61
C LEU C 46 7.52 1.25 2.99
N ILE C 47 7.84 -0.05 3.13
CA ILE C 47 7.65 -0.82 4.35
C ILE C 47 8.97 -1.48 4.72
N TYR C 48 9.17 -1.77 6.02
CA TYR C 48 10.29 -2.52 6.58
C TYR C 48 9.79 -3.34 7.76
N GLY C 49 10.52 -4.40 8.12
CA GLY C 49 10.16 -5.29 9.21
C GLY C 49 8.78 -5.90 8.98
N ALA C 50 8.48 -6.17 7.68
CA ALA C 50 7.27 -6.72 7.02
C ALA C 50 6.04 -5.82 7.09
N SER C 51 5.77 -5.21 8.26
CA SER C 51 4.56 -4.41 8.56
C SER C 51 4.77 -2.92 8.86
N THR C 52 5.96 -2.53 9.37
CA THR C 52 6.29 -1.13 9.71
C THR C 52 6.43 -0.25 8.48
N ARG C 53 5.58 0.77 8.37
CA ARG C 53 5.56 1.72 7.25
C ARG C 53 6.61 2.83 7.44
N ALA C 54 7.39 3.09 6.39
CA ALA C 54 8.45 4.10 6.37
C ALA C 54 7.90 5.53 6.52
N SER C 55 8.73 6.42 7.09
CA SER C 55 8.43 7.81 7.38
C SER C 55 7.94 8.63 6.16
N GLY C 56 6.70 9.12 6.27
CA GLY C 56 6.07 9.94 5.24
C GLY C 56 5.34 9.18 4.15
N ILE C 57 5.38 7.84 4.17
CA ILE C 57 4.69 7.02 3.17
C ILE C 57 3.17 7.10 3.42
N PRO C 58 2.34 7.31 2.36
CA PRO C 58 0.88 7.35 2.58
C PRO C 58 0.34 6.08 3.23
N ALA C 59 -0.66 6.25 4.12
CA ALA C 59 -1.31 5.20 4.90
C ALA C 59 -1.85 4.00 4.11
N ARG C 60 -2.14 4.21 2.80
CA ARG C 60 -2.70 3.17 1.91
C ARG C 60 -1.78 1.99 1.66
N PHE C 61 -0.47 2.16 1.88
CA PHE C 61 0.49 1.08 1.72
C PHE C 61 0.51 0.26 2.98
N SER C 62 0.07 -1.00 2.88
CA SER C 62 -0.04 -1.89 4.02
C SER C 62 0.75 -3.19 3.81
N GLY C 63 1.74 -3.40 4.66
CA GLY C 63 2.61 -4.57 4.63
C GLY C 63 2.22 -5.56 5.70
N SER C 64 2.11 -6.85 5.32
CA SER C 64 1.71 -7.92 6.23
C SER C 64 2.39 -9.23 5.86
N GLY C 65 2.02 -10.29 6.56
CA GLY C 65 2.55 -11.62 6.33
C GLY C 65 3.24 -12.23 7.53
N SER C 66 3.54 -13.53 7.40
CA SER C 66 4.21 -14.40 8.36
C SER C 66 4.74 -15.64 7.62
N GLY C 67 5.37 -16.57 8.36
CA GLY C 67 5.95 -17.79 7.81
C GLY C 67 6.88 -17.50 6.65
N THR C 68 6.42 -17.87 5.43
CA THR C 68 7.13 -17.66 4.17
C THR C 68 6.26 -16.83 3.17
N ASP C 69 4.98 -16.60 3.53
CA ASP C 69 4.00 -15.88 2.73
C ASP C 69 3.79 -14.43 3.24
N TYR C 70 4.27 -13.43 2.47
CA TYR C 70 4.14 -12.01 2.83
C TYR C 70 3.36 -11.26 1.76
N THR C 71 2.72 -10.12 2.12
CA THR C 71 1.87 -9.35 1.21
C THR C 71 2.06 -7.80 1.32
N LEU C 72 1.89 -7.09 0.18
CA LEU C 72 1.88 -5.62 0.09
C LEU C 72 0.55 -5.19 -0.53
N THR C 73 -0.22 -4.42 0.24
CA THR C 73 -1.55 -3.97 -0.13
C THR C 73 -1.61 -2.46 -0.33
N ILE C 74 -2.25 -2.03 -1.42
CA ILE C 74 -2.49 -0.62 -1.69
C ILE C 74 -4.01 -0.53 -1.76
N THR C 75 -4.64 -0.22 -0.60
CA THR C 75 -6.10 -0.17 -0.34
C THR C 75 -6.90 0.64 -1.38
N SER C 76 -6.45 1.85 -1.73
CA SER C 76 -7.15 2.66 -2.73
C SER C 76 -6.10 3.31 -3.64
N LEU C 77 -5.72 2.57 -4.69
CA LEU C 77 -4.66 2.91 -5.64
C LEU C 77 -4.84 4.24 -6.39
N GLN C 78 -3.85 5.14 -6.23
CA GLN C 78 -3.79 6.44 -6.90
C GLN C 78 -2.99 6.32 -8.22
N PRO C 79 -3.20 7.23 -9.21
CA PRO C 79 -2.43 7.11 -10.49
C PRO C 79 -0.91 7.17 -10.34
N GLU C 80 -0.44 7.78 -9.23
CA GLU C 80 0.98 7.90 -8.89
C GLU C 80 1.56 6.59 -8.30
N ASP C 81 0.72 5.54 -8.11
CA ASP C 81 1.16 4.26 -7.54
C ASP C 81 1.55 3.23 -8.61
N PHE C 82 1.32 3.54 -9.88
CA PHE C 82 1.71 2.66 -10.98
C PHE C 82 3.23 2.68 -11.13
N ALA C 83 3.86 1.57 -10.75
CA ALA C 83 5.31 1.39 -10.75
C ALA C 83 5.70 -0.08 -10.55
N VAL C 84 6.99 -0.32 -10.36
CA VAL C 84 7.54 -1.65 -10.11
C VAL C 84 7.76 -1.72 -8.60
N TYR C 85 7.54 -2.90 -8.00
CA TYR C 85 7.67 -3.08 -6.58
C TYR C 85 8.53 -4.30 -6.30
N TYR C 86 9.49 -4.19 -5.36
CA TYR C 86 10.38 -5.31 -5.02
C TYR C 86 10.33 -5.60 -3.53
N CYS C 87 10.20 -6.88 -3.15
CA CYS C 87 10.28 -7.26 -1.74
C CYS C 87 11.77 -7.54 -1.47
N GLN C 88 12.22 -7.33 -0.23
CA GLN C 88 13.63 -7.50 0.11
C GLN C 88 13.82 -8.21 1.45
N HIS C 89 14.66 -9.24 1.46
CA HIS C 89 15.01 -9.90 2.71
C HIS C 89 16.39 -9.39 3.16
N TYR C 90 16.62 -9.41 4.48
CA TYR C 90 17.86 -9.00 5.13
C TYR C 90 18.03 -9.73 6.46
N SER C 91 19.26 -10.09 6.81
CA SER C 91 19.56 -10.78 8.08
C SER C 91 21.02 -10.56 8.47
N ASN C 92 21.28 -10.43 9.77
CA ASN C 92 22.62 -10.17 10.26
C ASN C 92 23.38 -11.44 10.65
N TRP C 93 22.80 -12.37 11.49
CA TRP C 93 23.55 -13.58 11.85
C TRP C 93 23.79 -14.43 10.63
N PRO C 94 22.80 -15.17 10.03
CA PRO C 94 23.10 -15.85 8.76
C PRO C 94 23.13 -14.67 7.77
N PRO C 95 24.32 -14.21 7.31
CA PRO C 95 24.37 -12.99 6.50
C PRO C 95 23.72 -13.22 5.16
N ARG C 96 22.65 -12.44 4.89
CA ARG C 96 21.92 -12.54 3.65
C ARG C 96 21.20 -11.25 3.27
N LEU C 97 21.04 -11.04 1.96
CA LEU C 97 20.35 -9.91 1.36
C LEU C 97 19.90 -10.30 -0.04
N THR C 98 18.58 -10.39 -0.24
CA THR C 98 17.99 -10.80 -1.52
C THR C 98 16.84 -9.87 -1.91
N PHE C 99 16.67 -9.70 -3.20
CA PHE C 99 15.59 -8.95 -3.80
C PHE C 99 14.76 -9.91 -4.64
N GLY C 100 13.46 -9.70 -4.66
CA GLY C 100 12.55 -10.50 -5.47
C GLY C 100 12.63 -10.04 -6.91
N GLY C 101 11.93 -10.75 -7.80
CA GLY C 101 11.88 -10.43 -9.22
C GLY C 101 11.27 -9.10 -9.56
N GLY C 102 10.30 -8.68 -8.74
CA GLY C 102 9.58 -7.44 -8.94
C GLY C 102 8.25 -7.68 -9.64
N THR C 103 7.27 -6.82 -9.33
CA THR C 103 5.94 -6.90 -9.93
C THR C 103 5.58 -5.55 -10.55
N LYS C 104 5.01 -5.57 -11.76
CA LYS C 104 4.61 -4.33 -12.41
C LYS C 104 3.15 -4.01 -12.10
N VAL C 105 2.87 -2.83 -11.53
CA VAL C 105 1.49 -2.41 -11.26
C VAL C 105 1.13 -1.56 -12.48
N GLU C 106 0.50 -2.23 -13.45
CA GLU C 106 0.11 -1.75 -14.78
C GLU C 106 -1.31 -1.19 -14.75
N ILE C 107 -1.59 -0.19 -15.61
CA ILE C 107 -2.91 0.44 -15.70
C ILE C 107 -3.89 -0.48 -16.44
N LYS C 108 -4.99 -0.87 -15.75
CA LYS C 108 -6.05 -1.71 -16.34
C LYS C 108 -6.81 -0.88 -17.36
N ARG C 109 -7.06 -1.49 -18.51
CA ARG C 109 -7.68 -0.89 -19.68
C ARG C 109 -8.48 -1.97 -20.44
N THR C 110 -9.36 -1.56 -21.38
CA THR C 110 -10.11 -2.51 -22.21
C THR C 110 -9.17 -3.07 -23.28
N VAL C 111 -9.38 -4.34 -23.64
CA VAL C 111 -8.58 -5.06 -24.63
C VAL C 111 -8.67 -4.31 -25.95
N ALA C 112 -7.50 -4.04 -26.56
CA ALA C 112 -7.33 -3.31 -27.83
C ALA C 112 -6.38 -4.10 -28.75
N ALA C 113 -6.83 -4.44 -29.94
CA ALA C 113 -6.04 -5.21 -30.90
C ALA C 113 -4.87 -4.38 -31.48
N PRO C 114 -3.72 -5.00 -31.83
CA PRO C 114 -2.64 -4.20 -32.43
C PRO C 114 -2.89 -3.89 -33.90
N SER C 115 -2.46 -2.70 -34.35
CA SER C 115 -2.56 -2.28 -35.75
C SER C 115 -1.25 -2.75 -36.37
N VAL C 116 -1.29 -3.91 -37.06
CA VAL C 116 -0.10 -4.56 -37.63
C VAL C 116 0.38 -3.87 -38.90
N PHE C 117 1.70 -3.58 -38.96
CA PHE C 117 2.35 -2.94 -40.10
C PHE C 117 3.68 -3.61 -40.40
N ILE C 118 3.87 -4.03 -41.66
CA ILE C 118 5.10 -4.69 -42.10
C ILE C 118 5.91 -3.77 -43.02
N PHE C 119 7.21 -3.58 -42.72
CA PHE C 119 8.10 -2.72 -43.49
C PHE C 119 9.26 -3.48 -44.15
N PRO C 120 9.37 -3.42 -45.50
CA PRO C 120 10.49 -4.09 -46.19
C PRO C 120 11.80 -3.31 -46.01
N PRO C 121 13.00 -3.96 -46.07
CA PRO C 121 14.26 -3.22 -45.84
C PRO C 121 14.57 -2.21 -46.94
N SER C 122 15.18 -1.08 -46.52
CA SER C 122 15.57 0.02 -47.40
C SER C 122 16.66 -0.40 -48.40
N ASP C 123 16.69 0.28 -49.57
CA ASP C 123 17.66 0.04 -50.64
C ASP C 123 19.10 0.34 -50.17
N GLU C 124 19.27 1.34 -49.29
CA GLU C 124 20.55 1.76 -48.71
C GLU C 124 21.18 0.67 -47.84
N GLN C 125 20.37 0.07 -46.94
CA GLN C 125 20.80 -1.02 -46.05
C GLN C 125 21.06 -2.30 -46.86
N LEU C 126 20.25 -2.52 -47.91
CA LEU C 126 20.32 -3.65 -48.85
C LEU C 126 21.70 -3.69 -49.53
N LYS C 127 22.24 -2.50 -49.89
CA LYS C 127 23.55 -2.35 -50.54
C LYS C 127 24.70 -2.13 -49.51
N SER C 128 24.49 -2.61 -48.27
CA SER C 128 25.48 -2.55 -47.18
C SER C 128 25.93 -3.94 -46.76
N GLY C 129 25.12 -4.97 -47.10
CA GLY C 129 25.41 -6.35 -46.79
C GLY C 129 24.40 -7.07 -45.91
N THR C 130 23.58 -6.30 -45.14
CA THR C 130 22.57 -6.83 -44.22
C THR C 130 21.16 -6.28 -44.52
N ALA C 131 20.12 -7.13 -44.34
CA ALA C 131 18.71 -6.78 -44.55
C ALA C 131 17.90 -6.93 -43.28
N SER C 132 17.22 -5.85 -42.84
CA SER C 132 16.40 -5.85 -41.63
C SER C 132 14.92 -5.62 -41.92
N VAL C 133 14.10 -6.65 -41.61
CA VAL C 133 12.64 -6.63 -41.77
C VAL C 133 12.00 -6.21 -40.47
N VAL C 134 11.08 -5.22 -40.53
CA VAL C 134 10.44 -4.66 -39.35
C VAL C 134 8.91 -4.83 -39.32
N CYS C 135 8.40 -5.29 -38.17
CA CYS C 135 6.98 -5.46 -37.88
C CYS C 135 6.57 -4.54 -36.75
N LEU C 136 5.50 -3.79 -36.97
CA LEU C 136 4.97 -2.80 -36.05
C LEU C 136 3.59 -3.22 -35.53
N LEU C 137 3.47 -3.33 -34.19
CA LEU C 137 2.25 -3.65 -33.46
C LEU C 137 1.90 -2.34 -32.77
N ASN C 138 0.95 -1.59 -33.34
CA ASN C 138 0.58 -0.29 -32.79
C ASN C 138 -0.61 -0.34 -31.84
N ASN C 139 -0.51 0.46 -30.76
CA ASN C 139 -1.51 0.69 -29.73
C ASN C 139 -2.43 -0.51 -29.42
N PHE C 140 -1.87 -1.49 -28.68
CA PHE C 140 -2.56 -2.71 -28.25
C PHE C 140 -2.61 -2.82 -26.74
N TYR C 141 -3.62 -3.57 -26.23
CA TYR C 141 -3.82 -3.89 -24.82
C TYR C 141 -4.44 -5.28 -24.68
N PRO C 142 -3.97 -6.20 -23.81
CA PRO C 142 -2.82 -6.09 -22.88
C PRO C 142 -1.44 -6.22 -23.54
N ARG C 143 -0.37 -6.23 -22.72
CA ARG C 143 1.02 -6.34 -23.16
C ARG C 143 1.33 -7.68 -23.84
N GLU C 144 0.78 -8.79 -23.29
CA GLU C 144 0.97 -10.17 -23.77
C GLU C 144 0.65 -10.32 -25.27
N ALA C 145 1.73 -10.34 -26.08
CA ALA C 145 1.68 -10.46 -27.54
C ALA C 145 2.76 -11.41 -28.03
N LYS C 146 2.47 -12.14 -29.10
CA LYS C 146 3.38 -13.10 -29.72
C LYS C 146 3.56 -12.73 -31.18
N VAL C 147 4.82 -12.52 -31.56
CA VAL C 147 5.22 -12.19 -32.94
C VAL C 147 6.11 -13.32 -33.45
N GLN C 148 5.76 -13.87 -34.62
CA GLN C 148 6.50 -14.95 -35.26
C GLN C 148 6.93 -14.50 -36.65
N TRP C 149 8.11 -14.98 -37.09
CA TRP C 149 8.65 -14.65 -38.42
C TRP C 149 8.64 -15.87 -39.33
N LYS C 150 8.09 -15.70 -40.53
CA LYS C 150 8.01 -16.76 -41.54
C LYS C 150 8.69 -16.31 -42.84
N VAL C 151 9.85 -16.93 -43.12
CA VAL C 151 10.63 -16.68 -44.33
C VAL C 151 10.25 -17.82 -45.28
N ASP C 152 9.41 -17.51 -46.31
CA ASP C 152 8.86 -18.47 -47.28
C ASP C 152 8.19 -19.64 -46.53
N ASN C 153 7.31 -19.29 -45.57
CA ASN C 153 6.56 -20.19 -44.67
C ASN C 153 7.49 -21.10 -43.85
N ALA C 154 8.45 -20.48 -43.14
CA ALA C 154 9.42 -21.18 -42.29
C ALA C 154 9.78 -20.33 -41.08
N LEU C 155 9.48 -20.86 -39.87
CA LEU C 155 9.74 -20.20 -38.59
C LEU C 155 11.22 -20.02 -38.30
N GLN C 156 11.58 -18.81 -37.88
CA GLN C 156 12.94 -18.38 -37.54
C GLN C 156 13.25 -18.59 -36.03
N SER C 157 14.53 -18.41 -35.64
CA SER C 157 15.00 -18.54 -34.24
C SER C 157 16.31 -17.80 -34.00
N GLY C 158 16.32 -16.96 -32.96
CA GLY C 158 17.47 -16.19 -32.53
C GLY C 158 18.00 -15.12 -33.47
N ASN C 159 17.21 -14.77 -34.50
CA ASN C 159 17.54 -13.73 -35.49
C ASN C 159 16.53 -12.58 -35.47
N SER C 160 15.62 -12.64 -34.47
CA SER C 160 14.56 -11.65 -34.23
C SER C 160 14.86 -10.86 -32.95
N GLN C 161 14.47 -9.56 -32.93
CA GLN C 161 14.65 -8.69 -31.77
C GLN C 161 13.46 -7.76 -31.53
N GLU C 162 12.72 -8.03 -30.42
CA GLU C 162 11.54 -7.29 -30.00
C GLU C 162 11.88 -6.09 -29.12
N SER C 163 11.08 -5.01 -29.23
CA SER C 163 11.23 -3.79 -28.45
C SER C 163 9.84 -3.18 -28.21
N VAL C 164 9.45 -3.01 -26.92
CA VAL C 164 8.12 -2.49 -26.53
C VAL C 164 8.22 -1.13 -25.80
N THR C 165 7.23 -0.24 -26.02
CA THR C 165 7.15 1.06 -25.36
C THR C 165 6.53 0.93 -23.96
N GLU C 166 6.52 2.04 -23.20
CA GLU C 166 5.85 2.09 -21.90
C GLU C 166 4.38 2.40 -22.12
N GLN C 167 3.52 2.20 -21.10
CA GLN C 167 2.10 2.49 -21.21
C GLN C 167 1.89 3.96 -21.51
N ASP C 168 1.23 4.24 -22.65
CA ASP C 168 0.98 5.57 -23.18
C ASP C 168 0.34 6.53 -22.17
N SER C 169 0.79 7.78 -22.20
CA SER C 169 0.31 8.86 -21.33
C SER C 169 -1.21 9.06 -21.47
N LYS C 170 -1.70 9.12 -22.72
CA LYS C 170 -3.11 9.31 -23.03
C LYS C 170 -4.01 8.08 -22.79
N ASP C 171 -3.79 6.98 -23.56
CA ASP C 171 -4.65 5.80 -23.51
C ASP C 171 -4.03 4.55 -22.87
N SER C 172 -2.92 4.67 -22.11
CA SER C 172 -2.23 3.57 -21.41
C SER C 172 -2.08 2.29 -22.25
N THR C 173 -1.80 2.48 -23.54
CA THR C 173 -1.65 1.44 -24.55
C THR C 173 -0.18 1.01 -24.73
N TYR C 174 0.04 -0.13 -25.42
CA TYR C 174 1.36 -0.67 -25.71
C TYR C 174 1.66 -0.67 -27.20
N SER C 175 2.92 -0.41 -27.57
CA SER C 175 3.39 -0.46 -28.95
C SER C 175 4.67 -1.29 -28.96
N LEU C 176 4.73 -2.28 -29.88
CA LEU C 176 5.87 -3.21 -30.00
C LEU C 176 6.44 -3.27 -31.42
N SER C 177 7.76 -3.53 -31.54
CA SER C 177 8.47 -3.68 -32.81
C SER C 177 9.45 -4.86 -32.83
N SER C 178 9.16 -5.87 -33.68
CA SER C 178 10.05 -7.00 -33.84
C SER C 178 10.86 -6.79 -35.11
N THR C 179 12.19 -6.88 -35.00
CA THR C 179 13.10 -6.68 -36.12
C THR C 179 13.90 -7.95 -36.41
N LEU C 180 13.79 -8.45 -37.65
CA LEU C 180 14.48 -9.65 -38.10
C LEU C 180 15.70 -9.29 -38.94
N THR C 181 16.88 -9.78 -38.51
CA THR C 181 18.16 -9.56 -39.18
C THR C 181 18.54 -10.74 -40.06
N LEU C 182 18.80 -10.46 -41.35
CA LEU C 182 19.21 -11.44 -42.36
C LEU C 182 20.35 -10.87 -43.20
N SER C 183 21.15 -11.75 -43.83
CA SER C 183 22.21 -11.30 -44.72
C SER C 183 21.61 -11.05 -46.11
N LYS C 184 22.19 -10.10 -46.88
CA LYS C 184 21.77 -9.73 -48.24
C LYS C 184 21.64 -10.97 -49.14
N ALA C 185 22.52 -11.97 -48.91
CA ALA C 185 22.55 -13.26 -49.62
C ALA C 185 21.30 -14.09 -49.30
N ASP C 186 20.97 -14.25 -48.01
CA ASP C 186 19.80 -14.99 -47.53
C ASP C 186 18.49 -14.28 -47.87
N TYR C 187 18.49 -12.92 -47.84
CA TYR C 187 17.32 -12.12 -48.19
C TYR C 187 16.99 -12.29 -49.67
N GLU C 188 18.02 -12.45 -50.53
CA GLU C 188 17.86 -12.65 -51.96
C GLU C 188 17.32 -14.06 -52.27
N LYS C 189 17.74 -15.06 -51.48
CA LYS C 189 17.34 -16.48 -51.59
C LYS C 189 15.83 -16.73 -51.52
N HIS C 190 15.11 -15.91 -50.72
CA HIS C 190 13.67 -16.07 -50.49
C HIS C 190 12.81 -14.92 -51.04
N LYS C 191 11.51 -15.22 -51.31
CA LYS C 191 10.52 -14.30 -51.91
C LYS C 191 9.55 -13.62 -50.91
N VAL C 192 8.82 -14.42 -50.10
CA VAL C 192 7.82 -13.90 -49.17
C VAL C 192 8.32 -13.91 -47.70
N TYR C 193 8.01 -12.82 -46.98
CA TYR C 193 8.37 -12.59 -45.58
C TYR C 193 7.12 -12.21 -44.80
N ALA C 194 6.65 -13.12 -43.95
CA ALA C 194 5.45 -12.92 -43.15
C ALA C 194 5.75 -12.65 -41.69
N CYS C 195 4.86 -11.90 -41.06
CA CYS C 195 4.90 -11.53 -39.65
C CYS C 195 3.57 -11.94 -39.01
N GLU C 196 3.58 -12.98 -38.17
CA GLU C 196 2.34 -13.49 -37.55
C GLU C 196 2.14 -13.01 -36.10
N VAL C 197 1.11 -12.16 -35.90
CA VAL C 197 0.76 -11.55 -34.62
C VAL C 197 -0.40 -12.27 -33.87
N THR C 198 -0.12 -12.73 -32.64
CA THR C 198 -1.07 -13.39 -31.77
C THR C 198 -1.35 -12.48 -30.59
N HIS C 199 -2.58 -12.02 -30.46
CA HIS C 199 -3.00 -11.12 -29.39
C HIS C 199 -4.46 -11.37 -29.00
N GLN C 200 -4.78 -11.18 -27.72
CA GLN C 200 -6.12 -11.35 -27.15
C GLN C 200 -7.18 -10.49 -27.87
N GLY C 201 -6.76 -9.32 -28.35
CA GLY C 201 -7.59 -8.37 -29.08
C GLY C 201 -8.03 -8.82 -30.45
N LEU C 202 -7.40 -9.89 -30.98
CA LEU C 202 -7.68 -10.47 -32.29
C LEU C 202 -8.26 -11.86 -32.11
N SER C 203 -9.31 -12.19 -32.87
CA SER C 203 -9.98 -13.49 -32.80
C SER C 203 -9.13 -14.65 -33.31
N SER C 204 -8.10 -14.36 -34.11
CA SER C 204 -7.20 -15.35 -34.70
C SER C 204 -5.82 -14.74 -34.98
N PRO C 205 -4.71 -15.55 -35.05
CA PRO C 205 -3.40 -14.95 -35.37
C PRO C 205 -3.40 -14.30 -36.76
N VAL C 206 -3.33 -12.96 -36.76
CA VAL C 206 -3.33 -12.10 -37.96
C VAL C 206 -1.91 -12.02 -38.55
N THR C 207 -1.79 -12.25 -39.86
CA THR C 207 -0.52 -12.23 -40.59
C THR C 207 -0.46 -11.05 -41.56
N LYS C 208 0.73 -10.48 -41.71
CA LYS C 208 1.02 -9.38 -42.62
C LYS C 208 2.33 -9.68 -43.35
N SER C 209 2.17 -10.15 -44.60
CA SER C 209 3.25 -10.55 -45.51
C SER C 209 3.41 -9.57 -46.67
N PHE C 210 4.58 -9.63 -47.33
CA PHE C 210 4.93 -8.80 -48.48
C PHE C 210 5.83 -9.59 -49.43
N ASN C 211 5.82 -9.20 -50.71
CA ASN C 211 6.65 -9.78 -51.78
C ASN C 211 7.59 -8.68 -52.28
N ARG C 212 8.83 -9.06 -52.66
CA ARG C 212 9.89 -8.15 -53.14
C ARG C 212 9.50 -7.25 -54.34
N GLY C 213 8.52 -7.69 -55.14
CA GLY C 213 8.02 -6.95 -56.28
C GLY C 213 6.79 -6.12 -55.95
#